data_3JUS
#
_entry.id   3JUS
#
_cell.length_a   146.626
_cell.length_b   146.626
_cell.length_c   110.560
_cell.angle_alpha   90.00
_cell.angle_beta   90.00
_cell.angle_gamma   90.00
#
_symmetry.space_group_name_H-M   'P 4 21 2'
#
loop_
_entity.id
_entity.type
_entity.pdbx_description
1 polymer 'Lanosterol 14-alpha demethylase'
2 branched Cycloheptakis-(1-4)-(alpha-D-glucopyranose)
3 non-polymer 1-[(2R)-2-[(4-chlorobenzyl)oxy]-2-(2,4-dichlorophenyl)ethyl]-1H-imidazole
4 non-polymer 'PROTOPORPHYRIN IX CONTAINING FE'
5 non-polymer 1-[(2S)-2-[(4-CHLOROBENZYL)OXY]-2-(2,4-DICHLOROPHENYL)ETHYL]-1H-IMIDAZOLE
6 water water
#
_entity_poly.entity_id   1
_entity_poly.type   'polypeptide(L)'
_entity_poly.pdbx_seq_one_letter_code
;MAKKTLPAGVKSPPYIFSPIPFLGHAIAFGKSPIEFLENAYEKYGPVFSFTMVGKTFTYLLGSDAAALLFNSKNEDLNAE
DVYSRLTTPVFGKGVAYDVPNPVFLEQKKMLKSGLNIAHFKQHVSIIEKETKEYFESWGESGEKNVFEALSELIILTASH
CLHGKEIRSQLNEKVAQLYADLDGGFSHAAWLLPGWLPLPSFRRRDRAHREIKDIFYKAIQKRRQSQEKIDDILQTLLDA
TYKDGRPLTDDEVAGMLIGLLLAGQHTSSTTSAWMGFFLARDKTLQKKCYLEQKTVCGENLPPLTYDQLKDLNLLDRCIK
ETLRLRPPIMIMMRMARTPQTVAGYTIPPGHQVCVSPTVNQRLKDSWVERLDFNPDRYLQDNPASGEKFAYVPFGAGRHR
CIGENFAYVQIKTIWSTMLRLYEFDLIDGYFPTVNYTTMIHTPENPVIRYKRRSTHHHHHH
;
_entity_poly.pdbx_strand_id   A,B
#
# COMPACT_ATOMS: atom_id res chain seq x y z
N VAL A 10 -22.64 16.74 19.48
CA VAL A 10 -22.90 15.61 18.53
C VAL A 10 -21.93 15.67 17.36
N LYS A 11 -20.88 14.86 17.43
CA LYS A 11 -19.82 14.91 16.44
C LYS A 11 -19.71 13.54 15.79
N SER A 12 -19.81 13.45 14.46
CA SER A 12 -19.61 12.15 13.85
C SER A 12 -18.09 11.88 13.75
N PRO A 13 -17.68 10.61 13.55
CA PRO A 13 -16.24 10.30 13.50
C PRO A 13 -15.49 10.97 12.33
N PRO A 14 -14.16 11.15 12.47
CA PRO A 14 -13.35 11.64 11.35
C PRO A 14 -13.54 10.77 10.11
N TYR A 15 -13.71 11.40 8.96
CA TYR A 15 -13.91 10.64 7.73
C TYR A 15 -12.72 10.72 6.75
N ILE A 16 -12.18 9.57 6.37
CA ILE A 16 -11.15 9.52 5.34
C ILE A 16 -11.84 9.50 4.00
N PHE A 17 -11.57 10.50 3.17
CA PHE A 17 -12.21 10.63 1.87
C PHE A 17 -11.54 9.76 0.83
N SER A 18 -12.31 9.39 -0.19
CA SER A 18 -11.72 8.73 -1.34
C SER A 18 -12.12 9.43 -2.63
N PRO A 19 -11.14 9.61 -3.55
CA PRO A 19 -11.45 10.07 -4.91
C PRO A 19 -12.10 9.00 -5.80
N ILE A 20 -11.78 7.72 -5.58
CA ILE A 20 -12.29 6.63 -6.43
C ILE A 20 -13.77 6.31 -6.06
N PRO A 21 -14.70 6.52 -7.01
CA PRO A 21 -16.16 6.71 -6.75
C PRO A 21 -16.90 5.61 -5.96
N PHE A 22 -16.99 4.39 -6.52
CA PHE A 22 -17.73 3.33 -5.83
C PHE A 22 -16.84 2.47 -4.93
N LEU A 23 -15.66 2.14 -5.46
CA LEU A 23 -14.66 1.32 -4.79
C LEU A 23 -14.19 1.85 -3.45
N GLY A 24 -13.97 3.17 -3.38
CA GLY A 24 -13.43 3.80 -2.17
C GLY A 24 -12.00 3.35 -1.93
N HIS A 25 -11.73 2.87 -0.71
CA HIS A 25 -10.38 2.43 -0.35
C HIS A 25 -10.16 0.94 -0.57
N ALA A 26 -11.02 0.32 -1.38
CA ALA A 26 -11.05 -1.13 -1.55
C ALA A 26 -9.70 -1.73 -1.87
N ILE A 27 -8.88 -0.99 -2.62
CA ILE A 27 -7.59 -1.51 -3.07
C ILE A 27 -6.49 -1.30 -2.03
N ALA A 28 -6.41 -0.08 -1.51
CA ALA A 28 -5.46 0.25 -0.44
C ALA A 28 -5.68 -0.63 0.78
N PHE A 29 -6.94 -0.78 1.20
CA PHE A 29 -7.29 -1.66 2.32
C PHE A 29 -7.07 -3.10 1.90
N GLY A 30 -7.59 -3.44 0.74
CA GLY A 30 -7.51 -4.79 0.19
C GLY A 30 -6.11 -5.36 0.21
N LYS A 31 -5.15 -4.58 -0.29
CA LYS A 31 -3.77 -5.05 -0.39
C LYS A 31 -3.00 -5.13 0.94
N SER A 32 -3.35 -4.27 1.91
CA SER A 32 -2.62 -4.26 3.17
C SER A 32 -3.40 -3.57 4.30
N PRO A 33 -4.37 -4.30 4.88
CA PRO A 33 -5.36 -3.75 5.80
C PRO A 33 -4.72 -3.29 7.09
N ILE A 34 -3.71 -4.01 7.54
CA ILE A 34 -3.01 -3.70 8.76
C ILE A 34 -2.23 -2.39 8.59
N GLU A 35 -1.60 -2.27 7.43
CA GLU A 35 -0.85 -1.08 7.06
C GLU A 35 -1.81 0.10 6.94
N PHE A 36 -2.88 -0.12 6.19
CA PHE A 36 -3.91 0.89 5.98
C PHE A 36 -4.42 1.41 7.31
N LEU A 37 -4.74 0.50 8.23
CA LEU A 37 -5.34 0.85 9.52
C LEU A 37 -4.36 1.49 10.49
N GLU A 38 -3.15 0.98 10.53
CA GLU A 38 -2.11 1.59 11.35
C GLU A 38 -1.82 3.00 10.84
N ASN A 39 -1.62 3.15 9.54
CA ASN A 39 -1.45 4.49 8.91
C ASN A 39 -2.57 5.44 9.28
N ALA A 40 -3.81 4.99 9.08
CA ALA A 40 -4.98 5.72 9.49
C ALA A 40 -4.86 6.18 10.95
N TYR A 41 -4.59 5.24 11.85
CA TYR A 41 -4.42 5.50 13.29
C TYR A 41 -3.44 6.63 13.61
N GLU A 42 -2.34 6.69 12.86
CA GLU A 42 -1.36 7.75 12.96
C GLU A 42 -1.97 9.12 12.62
N LYS A 43 -2.53 9.22 11.41
CA LYS A 43 -3.16 10.44 10.89
C LYS A 43 -4.40 10.91 11.64
N TYR A 44 -5.29 9.97 11.98
CA TYR A 44 -6.68 10.30 12.34
C TYR A 44 -7.14 9.98 13.75
N GLY A 45 -6.51 9.00 14.41
CA GLY A 45 -6.83 8.67 15.80
C GLY A 45 -7.47 7.31 16.06
N PRO A 46 -7.97 7.09 17.30
CA PRO A 46 -8.58 5.83 17.76
C PRO A 46 -9.86 5.46 17.04
N VAL A 47 -10.55 6.46 16.50
CA VAL A 47 -11.85 6.27 15.88
C VAL A 47 -11.85 7.06 14.58
N PHE A 48 -12.32 6.43 13.51
CA PHE A 48 -12.39 7.05 12.20
C PHE A 48 -13.26 6.18 11.27
N SER A 49 -13.56 6.72 10.09
CA SER A 49 -14.50 6.09 9.17
C SER A 49 -13.98 6.11 7.74
N PHE A 50 -14.35 5.10 6.97
CA PHE A 50 -14.11 5.13 5.52
C PHE A 50 -15.10 4.27 4.78
N THR A 51 -15.22 4.48 3.48
CA THR A 51 -16.15 3.72 2.66
C THR A 51 -15.42 2.81 1.69
N MET A 52 -16.04 1.66 1.43
CA MET A 52 -15.51 0.61 0.56
C MET A 52 -16.67 -0.10 -0.13
N VAL A 53 -16.66 -0.10 -1.46
CA VAL A 53 -17.68 -0.79 -2.27
C VAL A 53 -19.12 -0.48 -1.79
N GLY A 54 -19.45 0.80 -1.67
CA GLY A 54 -20.76 1.21 -1.19
C GLY A 54 -20.94 1.23 0.33
N LYS A 55 -20.11 0.49 1.04
CA LYS A 55 -20.27 0.33 2.50
C LYS A 55 -19.40 1.31 3.28
N THR A 56 -19.89 1.76 4.43
CA THR A 56 -19.12 2.65 5.30
C THR A 56 -18.68 1.98 6.62
N PHE A 57 -17.41 2.14 6.96
CA PHE A 57 -16.85 1.47 8.12
C PHE A 57 -16.32 2.45 9.15
N THR A 58 -16.58 2.16 10.41
CA THR A 58 -15.95 2.87 11.49
C THR A 58 -15.16 1.85 12.27
N TYR A 59 -13.85 2.10 12.37
CA TYR A 59 -12.94 1.27 13.14
C TYR A 59 -12.65 1.84 14.51
N LEU A 60 -12.60 0.94 15.49
CA LEU A 60 -12.34 1.30 16.87
C LEU A 60 -11.03 0.66 17.30
N LEU A 61 -9.94 1.41 17.17
CA LEU A 61 -8.59 0.89 17.48
C LEU A 61 -8.10 1.28 18.87
N GLY A 62 -7.43 0.35 19.54
CA GLY A 62 -6.96 0.54 20.91
C GLY A 62 -7.99 0.05 21.90
N SER A 63 -7.54 -0.26 23.11
CA SER A 63 -8.38 -0.87 24.10
C SER A 63 -9.63 -0.03 24.37
N ASP A 64 -9.44 1.28 24.48
CA ASP A 64 -10.52 2.18 24.88
C ASP A 64 -11.61 2.35 23.83
N ALA A 65 -11.21 2.53 22.58
CA ALA A 65 -12.18 2.57 21.48
C ALA A 65 -12.96 1.25 21.33
N ALA A 66 -12.24 0.14 21.36
CA ALA A 66 -12.80 -1.19 21.18
C ALA A 66 -13.75 -1.58 22.33
N ALA A 67 -13.59 -0.92 23.48
CA ALA A 67 -14.45 -1.19 24.61
C ALA A 67 -15.94 -0.97 24.23
N LEU A 68 -16.20 -0.05 23.31
CA LEU A 68 -17.58 0.23 22.90
C LEU A 68 -18.22 -1.01 22.30
N LEU A 69 -17.46 -1.70 21.46
CA LEU A 69 -17.97 -2.85 20.73
C LEU A 69 -18.09 -4.03 21.67
N PHE A 70 -17.08 -4.25 22.50
CA PHE A 70 -17.10 -5.42 23.35
C PHE A 70 -18.21 -5.36 24.38
N ASN A 71 -18.47 -4.14 24.89
CA ASN A 71 -19.48 -3.94 25.93
C ASN A 71 -20.91 -3.83 25.42
N SER A 72 -21.08 -3.58 24.13
CA SER A 72 -22.41 -3.24 23.59
C SER A 72 -23.39 -4.39 23.54
N LYS A 73 -24.68 -4.05 23.62
CA LYS A 73 -25.73 -5.02 23.49
C LYS A 73 -25.97 -5.25 22.02
N ASN A 74 -26.47 -6.45 21.71
CA ASN A 74 -26.72 -6.87 20.34
C ASN A 74 -27.84 -6.08 19.63
N GLU A 75 -28.72 -5.46 20.40
CA GLU A 75 -29.71 -4.51 19.88
C GLU A 75 -29.01 -3.35 19.22
N ASP A 76 -27.94 -2.88 19.86
CA ASP A 76 -27.25 -1.66 19.44
C ASP A 76 -26.17 -1.92 18.39
N LEU A 77 -25.25 -2.83 18.70
CA LEU A 77 -24.25 -3.29 17.74
C LEU A 77 -24.53 -4.76 17.42
N ASN A 78 -25.06 -4.99 16.23
CA ASN A 78 -25.64 -6.28 15.85
C ASN A 78 -24.73 -7.12 14.95
N ALA A 79 -24.47 -8.34 15.38
CA ALA A 79 -23.68 -9.29 14.61
C ALA A 79 -24.44 -9.90 13.44
N GLU A 80 -25.70 -10.30 13.65
CA GLU A 80 -26.46 -11.00 12.60
C GLU A 80 -26.44 -10.24 11.28
N ASP A 81 -26.71 -8.94 11.35
CA ASP A 81 -26.80 -8.13 10.15
C ASP A 81 -25.58 -8.22 9.27
N VAL A 82 -24.39 -8.28 9.86
CA VAL A 82 -23.16 -8.37 9.10
C VAL A 82 -22.78 -9.80 8.73
N TYR A 83 -22.98 -10.74 9.66
CA TYR A 83 -22.43 -12.08 9.52
C TYR A 83 -23.36 -13.06 8.80
N SER A 84 -24.66 -12.82 8.89
CA SER A 84 -25.66 -13.80 8.50
C SER A 84 -25.69 -14.20 7.02
N ARG A 85 -25.49 -13.24 6.11
CA ARG A 85 -25.46 -13.53 4.67
C ARG A 85 -24.45 -14.65 4.37
N LEU A 86 -23.31 -14.62 5.05
CA LEU A 86 -22.23 -15.57 4.83
C LEU A 86 -22.49 -16.88 5.55
N THR A 87 -23.15 -16.76 6.71
CA THR A 87 -23.18 -17.79 7.72
C THR A 87 -24.24 -18.85 7.54
N THR A 88 -25.45 -18.40 7.27
CA THR A 88 -26.61 -19.28 7.27
C THR A 88 -26.55 -20.30 6.13
N PRO A 89 -26.13 -19.87 4.92
CA PRO A 89 -25.99 -20.87 3.87
C PRO A 89 -25.00 -21.98 4.25
N VAL A 90 -24.04 -21.67 5.12
CA VAL A 90 -22.94 -22.57 5.45
C VAL A 90 -23.21 -23.42 6.68
N PHE A 91 -23.52 -22.80 7.83
CA PHE A 91 -23.81 -23.60 9.04
C PHE A 91 -25.19 -24.21 8.98
N GLY A 92 -26.10 -23.52 8.29
CA GLY A 92 -27.47 -24.00 8.14
C GLY A 92 -28.46 -23.15 8.90
N LYS A 93 -29.74 -23.47 8.69
CA LYS A 93 -30.83 -22.71 9.28
C LYS A 93 -30.98 -23.10 10.74
N GLY A 94 -31.55 -22.20 11.53
CA GLY A 94 -31.94 -22.51 12.91
C GLY A 94 -30.82 -22.46 13.93
N VAL A 95 -29.65 -22.03 13.49
CA VAL A 95 -28.45 -22.05 14.34
C VAL A 95 -27.60 -20.77 14.11
N ALA A 96 -26.78 -20.44 15.10
CA ALA A 96 -25.87 -19.28 15.06
C ALA A 96 -26.55 -17.95 14.74
N TYR A 97 -26.35 -17.44 13.52
CA TYR A 97 -26.87 -16.12 13.20
C TYR A 97 -28.20 -16.17 12.50
N ASP A 98 -28.73 -17.37 12.31
CA ASP A 98 -30.05 -17.51 11.71
C ASP A 98 -31.16 -17.25 12.72
N VAL A 99 -30.83 -17.19 14.01
CA VAL A 99 -31.85 -17.11 15.04
C VAL A 99 -31.60 -15.90 15.94
N PRO A 100 -32.65 -15.45 16.66
CA PRO A 100 -32.48 -14.32 17.57
C PRO A 100 -31.37 -14.56 18.60
N ASN A 101 -30.66 -13.50 18.98
CA ASN A 101 -29.47 -13.66 19.82
C ASN A 101 -29.69 -14.44 21.12
N PRO A 102 -30.81 -14.18 21.83
CA PRO A 102 -31.05 -14.98 23.02
C PRO A 102 -31.09 -16.48 22.72
N VAL A 103 -31.60 -16.85 21.55
CA VAL A 103 -31.65 -18.25 21.14
C VAL A 103 -30.23 -18.79 20.94
N PHE A 104 -29.41 -18.02 20.25
CA PHE A 104 -28.01 -18.37 20.01
C PHE A 104 -27.16 -18.51 21.29
N LEU A 105 -27.43 -17.68 22.31
CA LEU A 105 -26.71 -17.76 23.58
C LEU A 105 -26.93 -19.10 24.26
N GLU A 106 -28.16 -19.60 24.20
CA GLU A 106 -28.48 -20.91 24.75
C GLU A 106 -27.75 -22.02 23.99
N GLN A 107 -27.60 -21.83 22.69
CA GLN A 107 -26.83 -22.77 21.89
C GLN A 107 -25.36 -22.70 22.27
N LYS A 108 -24.84 -21.49 22.50
CA LYS A 108 -23.45 -21.34 22.93
C LYS A 108 -23.24 -22.07 24.24
N LYS A 109 -24.24 -21.95 25.11
CA LYS A 109 -24.22 -22.56 26.44
C LYS A 109 -24.11 -24.09 26.33
N MET A 110 -24.90 -24.67 25.42
CA MET A 110 -24.88 -26.12 25.19
C MET A 110 -23.56 -26.58 24.61
N LEU A 111 -23.03 -25.83 23.64
CA LEU A 111 -21.71 -26.09 23.08
C LEU A 111 -20.60 -25.98 24.14
N LYS A 112 -20.66 -24.96 25.00
CA LYS A 112 -19.75 -24.86 26.15
C LYS A 112 -19.80 -26.13 26.97
N SER A 113 -20.99 -26.52 27.41
CA SER A 113 -21.09 -27.65 28.34
C SER A 113 -20.26 -28.87 27.86
N GLY A 114 -20.19 -29.06 26.55
CA GLY A 114 -19.40 -30.14 25.95
C GLY A 114 -17.89 -29.96 26.04
N LEU A 115 -17.43 -28.71 26.00
CA LEU A 115 -16.01 -28.39 26.07
C LEU A 115 -15.51 -28.29 27.51
N ASN A 116 -15.44 -29.43 28.19
CA ASN A 116 -15.03 -29.54 29.59
C ASN A 116 -13.83 -30.48 29.83
N ILE A 117 -13.26 -30.37 31.03
CA ILE A 117 -12.08 -31.15 31.45
C ILE A 117 -12.16 -32.67 31.21
N ALA A 118 -13.33 -33.27 31.45
CA ALA A 118 -13.46 -34.72 31.24
C ALA A 118 -13.29 -35.09 29.77
N HIS A 119 -13.88 -34.30 28.88
CA HIS A 119 -13.72 -34.56 27.44
C HIS A 119 -12.34 -34.18 26.94
N PHE A 120 -11.78 -33.12 27.50
CA PHE A 120 -10.45 -32.68 27.11
C PHE A 120 -9.41 -33.78 27.34
N LYS A 121 -9.57 -34.49 28.46
CA LYS A 121 -8.70 -35.60 28.83
C LYS A 121 -8.79 -36.74 27.85
N GLN A 122 -9.94 -36.87 27.21
CA GLN A 122 -10.09 -37.79 26.09
C GLN A 122 -9.40 -37.26 24.83
N HIS A 123 -9.55 -35.95 24.61
CA HIS A 123 -9.00 -35.31 23.41
C HIS A 123 -7.50 -35.42 23.35
N VAL A 124 -6.82 -35.14 24.45
CA VAL A 124 -5.36 -35.22 24.47
C VAL A 124 -4.81 -36.50 23.80
N SER A 125 -5.17 -37.67 24.31
CA SER A 125 -4.60 -38.88 23.72
C SER A 125 -5.12 -39.15 22.30
N ILE A 126 -6.34 -38.70 22.00
CA ILE A 126 -6.89 -38.79 20.64
C ILE A 126 -6.04 -37.98 19.64
N ILE A 127 -5.81 -36.72 19.95
CA ILE A 127 -4.97 -35.83 19.14
C ILE A 127 -3.52 -36.34 18.96
N GLU A 128 -2.91 -36.81 20.05
CA GLU A 128 -1.54 -37.28 20.01
C GLU A 128 -1.37 -38.41 18.98
N LYS A 129 -2.23 -39.42 19.08
CA LYS A 129 -2.20 -40.58 18.21
C LYS A 129 -2.40 -40.18 16.74
N GLU A 130 -3.39 -39.32 16.50
CA GLU A 130 -3.68 -38.80 15.18
C GLU A 130 -2.47 -38.10 14.56
N THR A 131 -1.78 -37.32 15.37
CA THR A 131 -0.61 -36.57 14.93
C THR A 131 0.55 -37.51 14.53
N LYS A 132 0.81 -38.52 15.38
CA LYS A 132 1.87 -39.47 15.11
C LYS A 132 1.56 -40.23 13.84
N GLU A 133 0.31 -40.69 13.71
CA GLU A 133 -0.09 -41.41 12.50
C GLU A 133 0.08 -40.53 11.28
N TYR A 134 -0.50 -39.33 11.30
CA TYR A 134 -0.40 -38.42 10.17
C TYR A 134 1.04 -38.25 9.66
N PHE A 135 1.96 -37.90 10.56
CA PHE A 135 3.34 -37.54 10.21
C PHE A 135 4.26 -38.71 9.88
N GLU A 136 3.79 -39.93 10.09
CA GLU A 136 4.53 -41.12 9.66
C GLU A 136 4.96 -40.99 8.21
N SER A 137 4.07 -40.46 7.37
CA SER A 137 4.32 -40.30 5.93
C SER A 137 5.38 -39.22 5.64
N TRP A 138 5.68 -38.36 6.61
CA TRP A 138 6.71 -37.35 6.41
C TRP A 138 8.12 -37.93 6.45
N GLY A 139 8.30 -39.03 7.18
CA GLY A 139 9.60 -39.71 7.22
C GLY A 139 10.68 -39.02 8.04
N GLU A 140 11.94 -39.31 7.74
CA GLU A 140 13.04 -38.86 8.59
C GLU A 140 13.46 -37.41 8.41
N SER A 141 13.20 -36.85 7.24
CA SER A 141 13.53 -35.45 6.92
C SER A 141 12.92 -35.05 5.59
N GLY A 142 13.07 -33.78 5.21
CA GLY A 142 12.56 -33.29 3.92
C GLY A 142 12.01 -31.87 3.94
N GLU A 143 11.16 -31.59 2.96
CA GLU A 143 10.63 -30.25 2.71
C GLU A 143 9.17 -30.30 2.26
N LYS A 144 8.27 -30.13 3.23
CA LYS A 144 6.84 -30.20 3.00
C LYS A 144 6.10 -28.91 3.39
N ASN A 145 4.89 -28.78 2.87
CA ASN A 145 4.05 -27.64 3.15
C ASN A 145 3.30 -27.85 4.45
N VAL A 146 3.76 -27.21 5.54
CA VAL A 146 3.14 -27.43 6.87
C VAL A 146 1.70 -27.00 6.95
N PHE A 147 1.37 -25.90 6.29
CA PHE A 147 0.04 -25.36 6.39
C PHE A 147 -1.00 -26.35 5.82
N GLU A 148 -0.66 -26.99 4.71
CA GLU A 148 -1.53 -28.04 4.16
C GLU A 148 -1.60 -29.21 5.11
N ALA A 149 -0.45 -29.66 5.58
CA ALA A 149 -0.37 -30.80 6.48
C ALA A 149 -1.23 -30.54 7.71
N LEU A 150 -1.03 -29.37 8.31
CA LEU A 150 -1.73 -29.03 9.52
C LEU A 150 -3.23 -28.92 9.28
N SER A 151 -3.64 -28.34 8.18
CA SER A 151 -5.07 -28.23 7.94
C SER A 151 -5.70 -29.61 7.67
N GLU A 152 -5.00 -30.45 6.92
CA GLU A 152 -5.42 -31.84 6.75
C GLU A 152 -5.57 -32.55 8.09
N LEU A 153 -4.57 -32.39 8.96
CA LEU A 153 -4.53 -33.03 10.26
C LEU A 153 -5.62 -32.53 11.19
N ILE A 154 -5.82 -31.20 11.23
CA ILE A 154 -6.76 -30.59 12.17
C ILE A 154 -8.19 -31.08 11.89
N ILE A 155 -8.55 -31.16 10.60
CA ILE A 155 -9.81 -31.76 10.16
C ILE A 155 -10.05 -33.17 10.76
N LEU A 156 -9.00 -33.99 10.82
CA LEU A 156 -9.08 -35.33 11.42
C LEU A 156 -9.20 -35.29 12.95
N THR A 157 -8.42 -34.44 13.60
CA THR A 157 -8.47 -34.30 15.06
C THR A 157 -9.75 -33.60 15.52
N ALA A 158 -10.18 -32.58 14.76
CA ALA A 158 -11.38 -31.82 15.11
C ALA A 158 -12.62 -32.69 15.04
N SER A 159 -12.79 -33.40 13.93
CA SER A 159 -13.89 -34.34 13.77
C SER A 159 -13.87 -35.35 14.91
N HIS A 160 -12.70 -35.92 15.18
CA HIS A 160 -12.59 -37.02 16.14
C HIS A 160 -13.07 -36.56 17.50
N CYS A 161 -12.70 -35.35 17.88
CA CYS A 161 -13.06 -34.79 19.17
C CYS A 161 -14.48 -34.20 19.17
N LEU A 162 -14.82 -33.44 18.13
CA LEU A 162 -16.06 -32.67 18.15
C LEU A 162 -17.25 -33.43 17.56
N HIS A 163 -17.00 -34.28 16.57
CA HIS A 163 -18.08 -35.09 15.99
C HIS A 163 -18.16 -36.48 16.60
N GLY A 164 -17.01 -37.03 16.99
CA GLY A 164 -16.99 -38.35 17.61
C GLY A 164 -16.38 -39.40 16.73
N LYS A 165 -16.37 -40.64 17.22
CA LYS A 165 -15.63 -41.71 16.55
C LYS A 165 -16.26 -42.22 15.25
N GLU A 166 -17.59 -42.26 15.23
CA GLU A 166 -18.32 -42.75 14.05
C GLU A 166 -18.11 -41.80 12.86
N ILE A 167 -18.50 -40.54 13.04
CA ILE A 167 -18.39 -39.52 11.98
C ILE A 167 -16.96 -39.43 11.47
N ARG A 168 -16.00 -39.60 12.39
CA ARG A 168 -14.58 -39.49 12.05
C ARG A 168 -14.16 -40.56 11.05
N SER A 169 -14.66 -41.77 11.25
CA SER A 169 -14.36 -42.91 10.40
C SER A 169 -15.00 -42.79 9.01
N GLN A 170 -15.90 -41.82 8.86
CA GLN A 170 -16.48 -41.51 7.55
C GLN A 170 -15.65 -40.48 6.77
N LEU A 171 -14.64 -39.90 7.42
CA LEU A 171 -13.81 -38.85 6.83
C LEU A 171 -12.83 -39.37 5.79
N ASN A 172 -13.27 -39.33 4.53
CA ASN A 172 -12.40 -39.65 3.41
C ASN A 172 -12.12 -38.37 2.61
N GLU A 173 -11.45 -38.53 1.47
CA GLU A 173 -11.15 -37.42 0.56
C GLU A 173 -12.38 -36.60 0.17
N LYS A 174 -13.47 -37.28 -0.18
CA LYS A 174 -14.68 -36.60 -0.66
C LYS A 174 -15.34 -35.71 0.39
N VAL A 175 -15.36 -36.20 1.64
CA VAL A 175 -15.96 -35.43 2.73
C VAL A 175 -15.10 -34.21 3.02
N ALA A 176 -13.78 -34.39 3.05
CA ALA A 176 -12.82 -33.30 3.19
C ALA A 176 -13.05 -32.28 2.08
N GLN A 177 -13.30 -32.78 0.87
CA GLN A 177 -13.58 -31.95 -0.28
C GLN A 177 -14.91 -31.20 -0.16
N LEU A 178 -15.87 -31.80 0.54
CA LEU A 178 -17.15 -31.13 0.78
C LEU A 178 -16.97 -29.95 1.72
N TYR A 179 -16.21 -30.14 2.80
CA TYR A 179 -15.90 -29.07 3.75
C TYR A 179 -15.21 -27.88 3.09
N ALA A 180 -14.29 -28.15 2.17
CA ALA A 180 -13.62 -27.10 1.41
C ALA A 180 -14.59 -26.33 0.50
N ASP A 181 -15.61 -27.01 -0.01
CA ASP A 181 -16.67 -26.37 -0.77
C ASP A 181 -17.52 -25.48 0.14
N LEU A 182 -17.64 -25.87 1.41
CA LEU A 182 -18.36 -25.08 2.40
C LEU A 182 -17.68 -23.74 2.70
N ASP A 183 -16.38 -23.78 3.01
CA ASP A 183 -15.57 -22.57 3.24
C ASP A 183 -15.62 -21.60 2.08
N GLY A 184 -15.70 -22.14 0.86
CA GLY A 184 -15.80 -21.32 -0.34
C GLY A 184 -16.91 -20.30 -0.21
N GLY A 185 -17.83 -20.58 0.72
CA GLY A 185 -18.92 -19.68 1.07
C GLY A 185 -18.47 -18.44 1.80
N PHE A 186 -17.35 -18.52 2.52
CA PHE A 186 -16.79 -17.36 3.20
C PHE A 186 -15.91 -16.54 2.26
N SER A 187 -16.55 -15.99 1.24
CA SER A 187 -15.84 -15.29 0.18
C SER A 187 -16.07 -13.78 0.19
N HIS A 188 -15.01 -13.07 -0.18
CA HIS A 188 -15.07 -11.69 -0.64
C HIS A 188 -16.40 -11.48 -1.38
N ALA A 189 -16.56 -12.24 -2.46
CA ALA A 189 -17.75 -12.27 -3.31
C ALA A 189 -19.09 -12.51 -2.61
N ALA A 190 -19.13 -13.42 -1.64
CA ALA A 190 -20.40 -13.80 -1.02
C ALA A 190 -20.96 -12.75 -0.07
N TRP A 191 -20.07 -11.95 0.51
CA TRP A 191 -20.50 -10.85 1.37
C TRP A 191 -20.98 -9.67 0.54
N LEU A 192 -20.29 -9.41 -0.57
CA LEU A 192 -20.64 -8.30 -1.48
C LEU A 192 -21.91 -8.55 -2.29
N LEU A 193 -21.80 -9.34 -3.37
CA LEU A 193 -22.89 -9.57 -4.32
C LEU A 193 -24.08 -10.30 -3.70
N PRO A 194 -25.31 -10.00 -4.16
CA PRO A 194 -26.55 -10.63 -3.69
C PRO A 194 -26.61 -12.14 -3.92
N GLY A 195 -27.33 -12.84 -3.04
CA GLY A 195 -27.38 -14.30 -3.04
C GLY A 195 -28.12 -14.98 -4.18
N TRP A 196 -28.88 -14.21 -4.96
CA TRP A 196 -29.63 -14.77 -6.10
C TRP A 196 -28.79 -14.94 -7.37
N LEU A 197 -27.49 -14.66 -7.28
CA LEU A 197 -26.56 -14.84 -8.41
C LEU A 197 -26.00 -16.27 -8.47
N PRO A 198 -25.88 -16.83 -9.70
CA PRO A 198 -25.43 -18.19 -9.87
C PRO A 198 -23.91 -18.27 -10.11
N LEU A 199 -23.13 -17.89 -9.10
CA LEU A 199 -21.68 -18.04 -9.18
C LEU A 199 -21.31 -19.50 -8.89
N PRO A 200 -20.16 -19.96 -9.42
CA PRO A 200 -19.74 -21.36 -9.23
C PRO A 200 -19.63 -21.77 -7.76
N SER A 201 -19.11 -20.87 -6.92
CA SER A 201 -18.89 -21.15 -5.50
C SER A 201 -20.18 -21.27 -4.67
N PHE A 202 -21.18 -20.43 -4.96
CA PHE A 202 -22.47 -20.49 -4.29
C PHE A 202 -23.13 -21.86 -4.50
N ARG A 203 -23.04 -22.37 -5.72
CA ARG A 203 -23.56 -23.69 -6.07
C ARG A 203 -22.81 -24.76 -5.28
N ARG A 204 -21.49 -24.76 -5.41
CA ARG A 204 -20.63 -25.67 -4.66
C ARG A 204 -21.02 -25.71 -3.18
N ARG A 205 -21.21 -24.53 -2.58
CA ARG A 205 -21.52 -24.42 -1.17
C ARG A 205 -22.86 -25.03 -0.82
N ASP A 206 -23.88 -24.70 -1.61
CA ASP A 206 -25.23 -25.16 -1.36
C ASP A 206 -25.37 -26.68 -1.48
N ARG A 207 -24.67 -27.24 -2.47
CA ARG A 207 -24.70 -28.67 -2.72
C ARG A 207 -24.08 -29.39 -1.54
N ALA A 208 -22.85 -29.00 -1.21
CA ALA A 208 -22.06 -29.58 -0.11
C ALA A 208 -22.68 -29.39 1.27
N HIS A 209 -23.45 -28.33 1.44
CA HIS A 209 -24.24 -28.15 2.65
C HIS A 209 -25.26 -29.28 2.79
N ARG A 210 -25.96 -29.57 1.70
CA ARG A 210 -27.00 -30.60 1.69
C ARG A 210 -26.45 -32.00 1.89
N GLU A 211 -25.26 -32.26 1.37
CA GLU A 211 -24.60 -33.58 1.46
C GLU A 211 -23.95 -33.88 2.83
N ILE A 212 -23.42 -32.85 3.49
CA ILE A 212 -22.89 -33.01 4.85
C ILE A 212 -24.05 -33.19 5.84
N LYS A 213 -25.10 -32.38 5.68
CA LYS A 213 -26.30 -32.50 6.51
C LYS A 213 -26.85 -33.92 6.43
N ASP A 214 -26.79 -34.47 5.22
CA ASP A 214 -27.25 -35.83 4.96
C ASP A 214 -26.43 -36.86 5.72
N ILE A 215 -25.11 -36.75 5.64
CA ILE A 215 -24.16 -37.61 6.36
C ILE A 215 -24.39 -37.54 7.87
N PHE A 216 -24.61 -36.31 8.36
CA PHE A 216 -24.83 -36.05 9.77
C PHE A 216 -26.18 -36.53 10.26
N TYR A 217 -27.16 -36.60 9.35
CA TYR A 217 -28.48 -37.09 9.68
C TYR A 217 -28.44 -38.56 10.09
N LYS A 218 -27.96 -39.41 9.19
CA LYS A 218 -27.90 -40.83 9.50
C LYS A 218 -26.97 -41.11 10.67
N ALA A 219 -25.93 -40.29 10.80
CA ALA A 219 -24.96 -40.42 11.88
C ALA A 219 -25.56 -40.09 13.25
N ILE A 220 -26.33 -39.01 13.31
CA ILE A 220 -27.07 -38.65 14.52
C ILE A 220 -28.06 -39.76 14.88
N GLN A 221 -28.84 -40.21 13.90
CA GLN A 221 -29.80 -41.30 14.09
C GLN A 221 -29.18 -42.62 14.55
N LYS A 222 -27.98 -42.94 14.05
CA LYS A 222 -27.29 -44.15 14.49
C LYS A 222 -26.88 -44.10 15.95
N ARG A 223 -26.34 -42.97 16.40
CA ARG A 223 -25.94 -42.86 17.79
C ARG A 223 -27.15 -42.73 18.68
N ARG A 224 -28.15 -41.98 18.21
CA ARG A 224 -29.40 -41.82 18.94
C ARG A 224 -29.94 -43.22 19.27
N GLN A 225 -29.69 -44.16 18.37
CA GLN A 225 -30.13 -45.55 18.53
C GLN A 225 -29.28 -46.41 19.45
N SER A 226 -28.12 -46.88 18.96
CA SER A 226 -27.28 -47.83 19.70
C SER A 226 -27.07 -47.43 21.16
N GLN A 227 -27.08 -48.41 22.06
CA GLN A 227 -27.17 -48.15 23.50
C GLN A 227 -25.81 -48.05 24.22
N GLU A 228 -24.74 -48.41 23.53
CA GLU A 228 -23.40 -48.13 24.00
C GLU A 228 -23.39 -46.68 24.52
N LYS A 229 -23.05 -46.49 25.80
CA LYS A 229 -23.04 -45.14 26.33
C LYS A 229 -21.68 -44.47 26.17
N ILE A 230 -21.61 -43.56 25.19
CA ILE A 230 -20.42 -42.77 24.92
C ILE A 230 -20.61 -41.37 25.47
N ASP A 231 -19.61 -40.90 26.22
CA ASP A 231 -19.63 -39.53 26.72
C ASP A 231 -18.67 -38.67 25.90
N ASP A 232 -19.17 -38.13 24.80
CA ASP A 232 -18.43 -37.13 24.06
C ASP A 232 -19.28 -35.88 23.80
N ILE A 233 -18.86 -35.07 22.84
CA ILE A 233 -19.55 -33.81 22.57
C ILE A 233 -20.83 -34.05 21.78
N LEU A 234 -20.80 -35.00 20.85
CA LEU A 234 -22.00 -35.32 20.10
C LEU A 234 -23.12 -35.67 21.07
N GLN A 235 -22.82 -36.50 22.06
CA GLN A 235 -23.84 -36.94 22.99
C GLN A 235 -24.32 -35.79 23.89
N THR A 236 -23.43 -34.89 24.24
CA THR A 236 -23.82 -33.72 25.04
C THR A 236 -24.94 -32.96 24.32
N LEU A 237 -24.79 -32.82 23.00
CA LEU A 237 -25.77 -32.11 22.19
C LEU A 237 -27.08 -32.89 22.14
N LEU A 238 -26.99 -34.17 21.79
CA LEU A 238 -28.16 -35.06 21.77
C LEU A 238 -28.90 -35.12 23.11
N ASP A 239 -28.21 -34.87 24.21
CA ASP A 239 -28.83 -34.89 25.54
C ASP A 239 -29.18 -33.48 26.02
N ALA A 240 -28.96 -32.48 25.17
CA ALA A 240 -29.15 -31.09 25.63
C ALA A 240 -30.57 -30.57 25.41
N THR A 241 -30.87 -29.45 26.05
CA THR A 241 -32.24 -28.97 26.17
C THR A 241 -32.27 -27.48 26.51
N TYR A 242 -33.08 -26.69 25.79
CA TYR A 242 -33.24 -25.26 26.08
C TYR A 242 -33.99 -25.10 27.41
N LYS A 243 -34.08 -23.87 27.93
CA LYS A 243 -34.93 -23.57 29.11
C LYS A 243 -36.39 -24.01 28.91
N ASP A 244 -36.93 -23.77 27.71
CA ASP A 244 -38.04 -24.55 27.15
C ASP A 244 -38.26 -25.90 27.79
N GLY A 245 -37.17 -26.64 27.96
CA GLY A 245 -37.21 -28.06 28.18
C GLY A 245 -37.11 -28.81 26.85
N ARG A 246 -37.15 -28.08 25.74
CA ARG A 246 -37.13 -28.69 24.41
C ARG A 246 -35.73 -29.18 23.96
N PRO A 247 -35.65 -30.44 23.49
CA PRO A 247 -34.40 -30.93 22.94
C PRO A 247 -34.14 -30.38 21.53
N LEU A 248 -32.91 -30.53 21.05
CA LEU A 248 -32.51 -30.03 19.74
C LEU A 248 -33.03 -30.93 18.63
N THR A 249 -33.61 -30.33 17.60
CA THR A 249 -33.99 -31.10 16.43
C THR A 249 -32.73 -31.59 15.73
N ASP A 250 -32.85 -32.70 15.01
CA ASP A 250 -31.72 -33.19 14.23
C ASP A 250 -31.06 -32.08 13.42
N ASP A 251 -31.87 -31.25 12.79
CA ASP A 251 -31.33 -30.19 11.95
C ASP A 251 -30.54 -29.15 12.75
N GLU A 252 -30.93 -28.92 14.00
CA GLU A 252 -30.15 -28.03 14.87
C GLU A 252 -28.80 -28.62 15.27
N VAL A 253 -28.79 -29.88 15.68
CA VAL A 253 -27.55 -30.57 16.01
C VAL A 253 -26.57 -30.57 14.84
N ALA A 254 -27.03 -31.11 13.69
CA ALA A 254 -26.23 -31.14 12.47
C ALA A 254 -25.69 -29.75 12.10
N GLY A 255 -26.45 -28.72 12.44
CA GLY A 255 -26.06 -27.35 12.16
C GLY A 255 -24.88 -26.89 12.99
N MET A 256 -24.98 -27.02 14.30
CA MET A 256 -23.84 -26.66 15.13
C MET A 256 -22.63 -27.60 14.97
N LEU A 257 -22.85 -28.84 14.55
CA LEU A 257 -21.72 -29.72 14.30
C LEU A 257 -20.87 -29.26 13.14
N ILE A 258 -21.49 -28.65 12.14
CA ILE A 258 -20.76 -28.05 11.02
C ILE A 258 -19.97 -26.88 11.57
N GLY A 259 -20.67 -25.93 12.17
CA GLY A 259 -20.07 -24.74 12.76
C GLY A 259 -18.91 -25.07 13.65
N LEU A 260 -19.00 -26.20 14.36
CA LEU A 260 -17.94 -26.65 15.26
C LEU A 260 -16.64 -27.00 14.56
N LEU A 261 -16.74 -27.68 13.42
CA LEU A 261 -15.57 -28.12 12.69
C LEU A 261 -14.93 -27.01 11.86
N LEU A 262 -15.75 -26.17 11.24
CA LEU A 262 -15.22 -25.04 10.48
C LEU A 262 -14.52 -24.07 11.41
N ALA A 263 -15.12 -23.84 12.58
CA ALA A 263 -14.57 -22.97 13.60
C ALA A 263 -13.28 -23.55 14.17
N GLY A 264 -13.38 -24.77 14.66
CA GLY A 264 -12.26 -25.46 15.30
C GLY A 264 -11.14 -25.87 14.37
N GLN A 265 -11.33 -25.69 13.07
CA GLN A 265 -10.36 -26.11 12.09
C GLN A 265 -9.49 -24.96 11.58
N HIS A 266 -10.10 -23.98 10.92
CA HIS A 266 -9.37 -22.85 10.32
C HIS A 266 -8.51 -22.09 11.31
N THR A 267 -9.07 -21.87 12.50
CA THR A 267 -8.42 -21.11 13.54
C THR A 267 -7.18 -21.80 14.12
N SER A 268 -7.24 -23.11 14.34
CA SER A 268 -6.09 -23.84 14.89
C SER A 268 -5.01 -24.11 13.86
N SER A 269 -5.40 -24.47 12.64
CA SER A 269 -4.45 -24.82 11.59
C SER A 269 -3.54 -23.65 11.23
N THR A 270 -4.15 -22.49 11.02
CA THR A 270 -3.42 -21.25 10.78
C THR A 270 -2.45 -20.89 11.90
N THR A 271 -2.94 -20.99 13.13
CA THR A 271 -2.15 -20.66 14.31
C THR A 271 -0.96 -21.61 14.46
N SER A 272 -1.21 -22.89 14.21
CA SER A 272 -0.15 -23.90 14.27
C SER A 272 0.86 -23.74 13.14
N ALA A 273 0.38 -23.27 12.00
CA ALA A 273 1.25 -23.04 10.85
C ALA A 273 2.26 -21.94 11.17
N TRP A 274 1.79 -20.80 11.68
CA TRP A 274 2.67 -19.65 12.00
C TRP A 274 3.60 -19.97 13.17
N MET A 275 3.06 -20.59 14.21
CA MET A 275 3.89 -21.02 15.32
C MET A 275 5.10 -21.80 14.79
N GLY A 276 4.81 -22.75 13.89
CA GLY A 276 5.84 -23.50 13.19
C GLY A 276 6.90 -22.60 12.62
N PHE A 277 6.50 -21.57 11.89
CA PHE A 277 7.47 -20.68 11.29
C PHE A 277 8.18 -19.78 12.29
N PHE A 278 7.51 -19.45 13.40
CA PHE A 278 8.12 -18.63 14.44
C PHE A 278 9.20 -19.43 15.16
N LEU A 279 8.96 -20.72 15.34
CA LEU A 279 9.92 -21.59 16.02
C LEU A 279 11.04 -22.02 15.10
N ALA A 280 10.79 -21.98 13.80
CA ALA A 280 11.81 -22.29 12.83
C ALA A 280 12.75 -21.10 12.71
N ARG A 281 12.25 -19.90 12.97
CA ARG A 281 13.09 -18.72 12.91
C ARG A 281 13.94 -18.61 14.18
N ASP A 282 13.31 -18.85 15.33
CA ASP A 282 13.98 -18.75 16.59
C ASP A 282 14.38 -20.12 17.07
N LYS A 283 15.52 -20.59 16.57
CA LYS A 283 15.95 -21.95 16.85
C LYS A 283 16.21 -22.17 18.34
N THR A 284 16.75 -21.15 19.01
CA THR A 284 17.10 -21.27 20.40
C THR A 284 15.83 -21.35 21.23
N LEU A 285 14.80 -20.67 20.76
CA LEU A 285 13.49 -20.78 21.37
C LEU A 285 12.91 -22.16 21.12
N GLN A 286 13.05 -22.63 19.89
CA GLN A 286 12.54 -23.94 19.54
C GLN A 286 13.15 -25.01 20.43
N LYS A 287 14.46 -24.92 20.66
CA LYS A 287 15.17 -25.86 21.53
C LYS A 287 14.66 -25.81 22.97
N LYS A 288 14.45 -24.60 23.48
CA LYS A 288 13.91 -24.42 24.83
C LYS A 288 12.54 -25.07 24.98
N CYS A 289 11.71 -24.95 23.95
CA CYS A 289 10.43 -25.66 23.93
C CYS A 289 10.60 -27.16 23.96
N TYR A 290 11.51 -27.67 23.14
CA TYR A 290 11.77 -29.10 23.19
C TYR A 290 12.29 -29.56 24.55
N LEU A 291 13.20 -28.80 25.17
CA LEU A 291 13.70 -29.14 26.50
C LEU A 291 12.58 -29.15 27.54
N GLU A 292 11.66 -28.20 27.43
CA GLU A 292 10.53 -28.11 28.34
C GLU A 292 9.75 -29.42 28.38
N GLN A 293 9.60 -30.05 27.22
CA GLN A 293 8.93 -31.36 27.09
C GLN A 293 9.58 -32.43 27.98
N LYS A 294 10.91 -32.46 27.97
CA LYS A 294 11.68 -33.36 28.82
C LYS A 294 11.55 -32.99 30.31
N THR A 295 11.63 -31.69 30.63
CA THR A 295 11.55 -31.18 32.01
C THR A 295 10.17 -31.40 32.64
N VAL A 296 9.12 -31.11 31.89
CA VAL A 296 7.78 -31.26 32.42
C VAL A 296 7.32 -32.73 32.41
N CYS A 297 7.41 -33.41 31.27
CA CYS A 297 6.79 -34.73 31.12
C CYS A 297 7.68 -35.91 31.48
N GLY A 298 8.95 -35.64 31.74
CA GLY A 298 9.94 -36.70 31.99
C GLY A 298 10.88 -36.93 30.81
N GLU A 299 12.11 -37.39 31.09
CA GLU A 299 13.08 -37.71 30.04
C GLU A 299 12.59 -38.85 29.17
N ASN A 300 11.82 -39.76 29.76
CA ASN A 300 11.27 -40.86 28.99
C ASN A 300 10.36 -40.42 27.85
N LEU A 301 9.78 -39.22 27.99
CA LEU A 301 8.76 -38.71 27.07
C LEU A 301 7.64 -39.75 26.90
N PRO A 302 6.76 -39.87 27.90
CA PRO A 302 5.65 -40.80 27.80
C PRO A 302 4.47 -40.16 27.06
N PRO A 303 3.39 -40.94 26.83
CA PRO A 303 2.18 -40.39 26.24
C PRO A 303 1.69 -39.16 26.99
N LEU A 304 1.33 -38.12 26.26
CA LEU A 304 0.82 -36.86 26.83
C LEU A 304 -0.47 -37.01 27.63
N THR A 305 -0.58 -36.26 28.72
CA THR A 305 -1.81 -36.22 29.52
C THR A 305 -2.28 -34.78 29.66
N TYR A 306 -3.57 -34.58 29.90
CA TYR A 306 -4.17 -33.24 30.07
C TYR A 306 -3.52 -32.43 31.19
N ASP A 307 -3.15 -33.10 32.28
CA ASP A 307 -2.52 -32.43 33.42
C ASP A 307 -1.15 -31.89 33.07
N GLN A 308 -0.38 -32.63 32.26
CA GLN A 308 0.91 -32.14 31.79
C GLN A 308 0.79 -30.86 30.95
N LEU A 309 -0.34 -30.67 30.27
CA LEU A 309 -0.52 -29.53 29.35
C LEU A 309 -0.48 -28.16 30.03
N LYS A 310 -1.09 -28.10 31.21
CA LYS A 310 -1.11 -26.90 32.06
C LYS A 310 0.30 -26.43 32.45
N ASP A 311 1.27 -27.35 32.37
CA ASP A 311 2.63 -27.09 32.84
C ASP A 311 3.60 -26.67 31.77
N LEU A 312 3.21 -26.76 30.51
CA LEU A 312 4.08 -26.34 29.43
C LEU A 312 3.94 -24.83 29.21
N ASN A 313 4.46 -24.06 30.18
CA ASN A 313 4.26 -22.62 30.23
C ASN A 313 4.88 -21.90 29.07
N LEU A 314 6.06 -22.35 28.67
CA LEU A 314 6.73 -21.74 27.54
C LEU A 314 5.95 -22.01 26.26
N LEU A 315 5.60 -23.27 26.02
CA LEU A 315 4.79 -23.63 24.86
C LEU A 315 3.48 -22.84 24.88
N ASP A 316 2.93 -22.69 26.08
CA ASP A 316 1.76 -21.86 26.32
C ASP A 316 1.96 -20.42 25.80
N ARG A 317 3.01 -19.76 26.25
CA ARG A 317 3.27 -18.40 25.84
C ARG A 317 3.64 -18.28 24.37
N CYS A 318 4.19 -19.35 23.81
CA CYS A 318 4.44 -19.38 22.37
C CYS A 318 3.14 -19.29 21.57
N ILE A 319 2.15 -20.12 21.92
CA ILE A 319 0.82 -20.04 21.33
C ILE A 319 0.25 -18.63 21.49
N LYS A 320 0.20 -18.15 22.73
CA LYS A 320 -0.23 -16.79 23.07
C LYS A 320 0.45 -15.72 22.21
N GLU A 321 1.77 -15.81 22.10
CA GLU A 321 2.53 -14.89 21.26
C GLU A 321 2.20 -15.02 19.76
N THR A 322 1.92 -16.24 19.31
CA THR A 322 1.47 -16.47 17.94
C THR A 322 0.12 -15.80 17.70
N LEU A 323 -0.81 -15.97 18.65
CA LEU A 323 -2.15 -15.39 18.54
C LEU A 323 -2.10 -13.87 18.57
N ARG A 324 -1.08 -13.35 19.22
CA ARG A 324 -0.90 -11.91 19.32
C ARG A 324 -0.56 -11.31 17.93
N LEU A 325 0.30 -12.00 17.18
CA LEU A 325 0.82 -11.48 15.91
C LEU A 325 0.02 -11.99 14.74
N ARG A 326 -0.65 -13.12 14.95
CA ARG A 326 -1.36 -13.80 13.88
C ARG A 326 -2.73 -14.30 14.33
N PRO A 327 -3.61 -13.41 14.83
CA PRO A 327 -4.95 -13.91 15.21
C PRO A 327 -5.74 -14.37 13.97
N PRO A 328 -6.33 -15.57 14.02
CA PRO A 328 -6.98 -16.07 12.81
C PRO A 328 -8.28 -15.33 12.49
N ILE A 329 -8.87 -14.68 13.48
CA ILE A 329 -9.98 -13.76 13.23
C ILE A 329 -9.47 -12.34 13.24
N MET A 330 -9.12 -11.86 12.05
CA MET A 330 -8.45 -10.59 11.90
C MET A 330 -9.29 -9.39 12.29
N ILE A 331 -10.61 -9.53 12.13
CA ILE A 331 -11.56 -8.45 12.36
C ILE A 331 -12.89 -8.97 12.92
N MET A 332 -13.43 -8.25 13.90
CA MET A 332 -14.82 -8.45 14.36
C MET A 332 -15.66 -7.29 13.91
N MET A 333 -16.87 -7.57 13.46
CA MET A 333 -17.72 -6.57 12.83
C MET A 333 -19.15 -6.62 13.36
N ARG A 334 -19.80 -5.47 13.39
CA ARG A 334 -21.16 -5.30 13.89
C ARG A 334 -21.86 -4.23 13.08
N MET A 335 -23.18 -4.32 12.99
CA MET A 335 -24.01 -3.26 12.39
C MET A 335 -24.54 -2.37 13.51
N ALA A 336 -24.40 -1.06 13.33
CA ALA A 336 -24.95 -0.08 14.27
C ALA A 336 -26.45 0.07 14.01
N ARG A 337 -27.27 -0.17 15.03
CA ARG A 337 -28.72 -0.07 14.82
C ARG A 337 -29.23 1.21 15.46
N THR A 338 -28.69 1.53 16.64
CA THR A 338 -28.99 2.75 17.33
C THR A 338 -27.69 3.54 17.38
N PRO A 339 -27.75 4.88 17.53
CA PRO A 339 -26.51 5.68 17.52
C PRO A 339 -25.62 5.44 18.74
N GLN A 340 -24.32 5.31 18.49
CA GLN A 340 -23.38 4.91 19.52
C GLN A 340 -22.22 5.89 19.68
N THR A 341 -21.82 6.14 20.93
CA THR A 341 -20.81 7.16 21.22
C THR A 341 -19.53 6.59 21.81
N VAL A 342 -18.42 6.96 21.18
CA VAL A 342 -17.10 6.65 21.70
C VAL A 342 -16.12 7.76 21.38
N ALA A 343 -15.21 8.01 22.34
CA ALA A 343 -14.22 9.10 22.28
C ALA A 343 -14.80 10.45 21.86
N GLY A 344 -16.05 10.71 22.25
CA GLY A 344 -16.75 11.94 21.90
C GLY A 344 -17.38 11.96 20.51
N TYR A 345 -17.41 10.82 19.83
CA TYR A 345 -18.03 10.74 18.51
C TYR A 345 -19.28 9.87 18.49
N THR A 346 -20.27 10.26 17.70
CA THR A 346 -21.44 9.43 17.56
C THR A 346 -21.41 8.75 16.20
N ILE A 347 -21.35 7.43 16.24
CA ILE A 347 -21.44 6.63 15.04
C ILE A 347 -22.91 6.58 14.66
N PRO A 348 -23.23 7.09 13.46
CA PRO A 348 -24.62 7.06 13.04
C PRO A 348 -25.07 5.62 12.78
N PRO A 349 -26.35 5.30 13.05
CA PRO A 349 -26.88 3.99 12.67
C PRO A 349 -26.59 3.75 11.20
N GLY A 350 -26.36 2.50 10.84
CA GLY A 350 -26.12 2.15 9.44
C GLY A 350 -24.69 1.80 9.13
N HIS A 351 -23.74 2.39 9.87
CA HIS A 351 -22.30 2.08 9.76
C HIS A 351 -22.01 0.67 10.19
N GLN A 352 -20.99 0.06 9.57
CA GLN A 352 -20.42 -1.20 10.07
C GLN A 352 -19.29 -0.86 11.04
N VAL A 353 -19.50 -1.15 12.32
CA VAL A 353 -18.49 -0.89 13.33
C VAL A 353 -17.51 -2.06 13.47
N CYS A 354 -16.22 -1.76 13.44
CA CYS A 354 -15.18 -2.80 13.43
C CYS A 354 -14.12 -2.70 14.52
N VAL A 355 -13.60 -3.83 14.95
CA VAL A 355 -12.38 -3.87 15.76
C VAL A 355 -11.39 -4.82 15.09
N SER A 356 -10.11 -4.45 15.06
CA SER A 356 -9.05 -5.39 14.65
C SER A 356 -8.19 -5.84 15.83
N PRO A 357 -8.28 -7.14 16.20
CA PRO A 357 -7.33 -7.69 17.17
C PRO A 357 -5.88 -7.54 16.71
N THR A 358 -5.63 -7.86 15.43
CA THR A 358 -4.30 -7.68 14.86
C THR A 358 -3.73 -6.33 15.23
N VAL A 359 -4.47 -5.28 14.92
CA VAL A 359 -4.03 -3.91 15.18
C VAL A 359 -3.89 -3.61 16.68
N ASN A 360 -4.89 -3.95 17.47
CA ASN A 360 -4.80 -3.73 18.91
C ASN A 360 -3.59 -4.43 19.54
N GLN A 361 -3.22 -5.57 18.96
CA GLN A 361 -2.23 -6.46 19.55
C GLN A 361 -0.79 -6.16 19.11
N ARG A 362 -0.62 -5.05 18.41
CA ARG A 362 0.64 -4.70 17.80
C ARG A 362 0.85 -3.17 17.88
N LEU A 363 -0.08 -2.49 18.56
CA LEU A 363 -0.09 -1.03 18.69
C LEU A 363 1.15 -0.48 19.41
N LYS A 364 1.87 0.41 18.72
CA LYS A 364 3.11 1.06 19.19
C LYS A 364 3.10 1.49 20.65
N ASP A 365 2.13 2.33 21.01
CA ASP A 365 2.09 2.98 22.32
C ASP A 365 1.87 2.02 23.45
N SER A 366 1.51 0.76 23.15
CA SER A 366 1.18 -0.22 24.19
C SER A 366 2.04 -1.49 24.18
N TRP A 367 2.67 -1.80 23.05
CA TRP A 367 3.52 -3.00 22.98
C TRP A 367 5.00 -2.65 22.78
N VAL A 368 5.83 -3.08 23.73
CA VAL A 368 7.29 -2.95 23.64
C VAL A 368 7.74 -3.87 22.52
N GLU A 369 8.50 -3.35 21.56
CA GLU A 369 8.95 -4.15 20.40
C GLU A 369 7.78 -4.94 19.79
N ARG A 370 6.84 -4.17 19.23
CA ARG A 370 5.58 -4.68 18.78
C ARG A 370 5.71 -5.82 17.77
N LEU A 371 6.66 -5.73 16.85
CA LEU A 371 6.70 -6.69 15.75
C LEU A 371 7.52 -7.92 16.07
N ASP A 372 7.98 -8.00 17.31
CA ASP A 372 8.91 -9.04 17.72
C ASP A 372 8.21 -10.26 18.28
N PHE A 373 8.58 -11.43 17.78
CA PHE A 373 8.06 -12.66 18.34
C PHE A 373 8.78 -12.98 19.62
N ASN A 374 8.24 -12.54 20.75
CA ASN A 374 8.89 -12.77 22.01
C ASN A 374 7.96 -13.25 23.12
N PRO A 375 7.85 -14.59 23.27
CA PRO A 375 7.00 -15.24 24.25
C PRO A 375 7.26 -14.83 25.69
N ASP A 376 8.42 -14.25 25.98
CA ASP A 376 8.75 -13.91 27.37
C ASP A 376 8.24 -12.54 27.75
N ARG A 377 7.75 -11.80 26.75
CA ARG A 377 7.25 -10.44 26.98
C ARG A 377 6.15 -10.42 28.02
N TYR A 378 5.53 -11.57 28.24
CA TYR A 378 4.47 -11.69 29.25
C TYR A 378 5.00 -11.81 30.67
N LEU A 379 6.27 -12.17 30.83
CA LEU A 379 6.91 -12.26 32.15
C LEU A 379 7.35 -10.89 32.67
N GLN A 380 7.09 -9.84 31.88
CA GLN A 380 7.24 -8.45 32.31
C GLN A 380 5.85 -7.79 32.36
N ASP A 381 5.80 -6.46 32.24
CA ASP A 381 4.55 -5.74 32.32
C ASP A 381 4.06 -5.43 30.92
N ASN A 382 2.88 -5.93 30.59
CA ASN A 382 2.32 -5.82 29.25
C ASN A 382 0.82 -5.55 29.27
N PRO A 383 0.28 -5.00 28.16
CA PRO A 383 -1.15 -4.70 28.00
C PRO A 383 -2.08 -5.90 28.02
N ALA A 384 -1.57 -7.11 27.80
CA ALA A 384 -2.42 -8.29 27.94
C ALA A 384 -3.04 -8.27 29.33
N SER A 385 -2.17 -8.21 30.35
CA SER A 385 -2.61 -8.02 31.74
C SER A 385 -2.92 -6.55 32.12
N GLY A 386 -2.28 -5.59 31.44
CA GLY A 386 -2.34 -4.17 31.84
C GLY A 386 -3.47 -3.31 31.28
N GLU A 387 -3.95 -3.63 30.08
CA GLU A 387 -5.12 -2.98 29.50
C GLU A 387 -6.25 -3.98 29.38
N LYS A 388 -7.46 -3.51 29.05
CA LYS A 388 -8.62 -4.41 28.98
C LYS A 388 -8.77 -5.12 27.65
N PHE A 389 -8.42 -4.41 26.58
CA PHE A 389 -8.75 -4.89 25.24
C PHE A 389 -7.60 -4.69 24.26
N ALA A 390 -6.38 -4.68 24.79
CA ALA A 390 -5.21 -4.56 23.93
C ALA A 390 -4.87 -5.94 23.37
N TYR A 391 -5.31 -6.97 24.10
CA TYR A 391 -5.11 -8.37 23.74
C TYR A 391 -6.46 -9.13 23.79
N VAL A 392 -7.01 -9.39 22.61
CA VAL A 392 -8.38 -9.94 22.43
C VAL A 392 -8.51 -10.94 21.26
N PRO A 393 -7.62 -11.94 21.20
CA PRO A 393 -7.72 -12.90 20.11
C PRO A 393 -9.01 -13.74 20.08
N PHE A 394 -9.67 -13.88 21.23
CA PHE A 394 -10.88 -14.68 21.32
C PHE A 394 -12.09 -13.79 21.55
N GLY A 395 -11.84 -12.48 21.56
CA GLY A 395 -12.86 -11.48 21.83
C GLY A 395 -13.27 -11.32 23.29
N ALA A 396 -14.35 -10.56 23.46
CA ALA A 396 -14.98 -10.29 24.75
C ALA A 396 -16.45 -9.91 24.53
N GLY A 397 -17.28 -10.03 25.57
CA GLY A 397 -18.66 -9.58 25.49
C GLY A 397 -19.63 -10.66 25.11
N ARG A 398 -20.82 -10.25 24.70
CA ARG A 398 -21.87 -11.22 24.39
C ARG A 398 -21.47 -12.21 23.29
N HIS A 399 -20.49 -11.81 22.47
CA HIS A 399 -20.03 -12.63 21.34
C HIS A 399 -18.68 -13.31 21.52
N ARG A 400 -18.15 -13.29 22.75
CA ARG A 400 -16.90 -13.95 23.13
C ARG A 400 -16.85 -15.38 22.58
N CYS A 401 -15.63 -15.84 22.26
CA CYS A 401 -15.41 -17.20 21.83
C CYS A 401 -15.59 -18.15 23.01
N ILE A 402 -16.04 -19.37 22.72
CA ILE A 402 -16.21 -20.41 23.75
C ILE A 402 -15.14 -21.48 23.62
N GLY A 403 -14.35 -21.40 22.55
CA GLY A 403 -13.47 -22.48 22.10
C GLY A 403 -12.01 -22.41 22.54
N GLU A 404 -11.67 -21.34 23.27
CA GLU A 404 -10.29 -21.09 23.70
C GLU A 404 -9.59 -22.33 24.27
N ASN A 405 -10.17 -22.94 25.31
CA ASN A 405 -9.54 -24.10 25.95
C ASN A 405 -9.34 -25.28 25.04
N PHE A 406 -10.33 -25.57 24.22
CA PHE A 406 -10.20 -26.66 23.28
C PHE A 406 -9.11 -26.30 22.29
N ALA A 407 -9.08 -25.04 21.86
CA ALA A 407 -8.06 -24.61 20.92
C ALA A 407 -6.65 -24.76 21.49
N TYR A 408 -6.45 -24.44 22.77
CA TYR A 408 -5.14 -24.63 23.38
C TYR A 408 -4.77 -26.11 23.50
N VAL A 409 -5.74 -26.93 23.86
CA VAL A 409 -5.54 -28.36 23.98
C VAL A 409 -5.04 -28.91 22.67
N GLN A 410 -5.75 -28.59 21.60
CA GLN A 410 -5.41 -29.04 20.26
C GLN A 410 -4.03 -28.59 19.85
N ILE A 411 -3.77 -27.29 19.95
CA ILE A 411 -2.49 -26.75 19.48
C ILE A 411 -1.30 -27.17 20.35
N LYS A 412 -1.49 -27.32 21.67
CA LYS A 412 -0.45 -27.85 22.54
C LYS A 412 -0.09 -29.27 22.19
N THR A 413 -1.07 -30.16 22.27
CA THR A 413 -0.88 -31.56 21.94
C THR A 413 -0.20 -31.71 20.59
N ILE A 414 -0.69 -31.01 19.57
CA ILE A 414 -0.11 -31.14 18.23
C ILE A 414 1.36 -30.71 18.25
N TRP A 415 1.62 -29.48 18.65
CA TRP A 415 2.98 -28.99 18.70
C TRP A 415 3.89 -29.72 19.71
N SER A 416 3.31 -30.20 20.81
CA SER A 416 4.07 -31.05 21.72
C SER A 416 4.58 -32.27 20.97
N THR A 417 3.68 -32.97 20.29
CA THR A 417 4.05 -34.16 19.53
C THR A 417 4.96 -33.82 18.35
N MET A 418 4.69 -32.70 17.69
CA MET A 418 5.50 -32.34 16.53
C MET A 418 6.96 -32.08 16.94
N LEU A 419 7.17 -31.35 18.04
CA LEU A 419 8.53 -31.10 18.53
C LEU A 419 9.24 -32.39 18.91
N ARG A 420 8.54 -33.27 19.59
CA ARG A 420 9.11 -34.57 19.88
C ARG A 420 9.53 -35.32 18.62
N LEU A 421 8.81 -35.12 17.52
CA LEU A 421 9.10 -35.82 16.27
C LEU A 421 10.23 -35.21 15.44
N TYR A 422 10.28 -33.88 15.38
CA TYR A 422 11.13 -33.18 14.42
C TYR A 422 11.75 -31.90 14.91
N GLU A 423 12.86 -31.54 14.30
CA GLU A 423 13.42 -30.20 14.40
C GLU A 423 13.06 -29.47 13.08
N PHE A 424 12.55 -28.24 13.17
CA PHE A 424 12.06 -27.52 12.00
C PHE A 424 12.95 -26.35 11.67
N ASP A 425 12.93 -25.91 10.40
CA ASP A 425 13.81 -24.86 9.92
C ASP A 425 13.26 -24.10 8.74
N LEU A 426 13.66 -22.85 8.58
CA LEU A 426 13.32 -22.09 7.39
C LEU A 426 14.12 -22.62 6.19
N ILE A 427 13.54 -22.53 4.99
CA ILE A 427 14.26 -22.82 3.76
C ILE A 427 14.92 -21.55 3.23
N ASP A 428 16.26 -21.55 3.15
CA ASP A 428 17.02 -20.39 2.64
C ASP A 428 16.64 -19.07 3.35
N GLY A 429 16.47 -19.13 4.67
CA GLY A 429 16.15 -17.93 5.43
C GLY A 429 14.77 -17.32 5.22
N TYR A 430 13.90 -17.98 4.45
CA TYR A 430 12.58 -17.42 4.12
C TYR A 430 11.52 -17.53 5.24
N PHE A 431 11.02 -16.38 5.66
CA PHE A 431 9.86 -16.31 6.52
C PHE A 431 8.64 -15.95 5.69
N PRO A 432 7.59 -16.78 5.76
CA PRO A 432 6.37 -16.52 5.00
C PRO A 432 5.76 -15.15 5.29
N THR A 433 5.48 -14.42 4.23
CA THR A 433 4.76 -13.15 4.34
C THR A 433 3.25 -13.44 4.29
N VAL A 434 2.43 -12.45 4.60
CA VAL A 434 1.00 -12.69 4.75
C VAL A 434 0.25 -12.56 3.41
N ASN A 435 -0.73 -13.44 3.20
CA ASN A 435 -1.63 -13.38 2.03
C ASN A 435 -3.07 -13.02 2.47
N TYR A 436 -3.48 -11.79 2.15
CA TYR A 436 -4.71 -11.22 2.68
C TYR A 436 -5.93 -11.40 1.79
N THR A 437 -5.72 -11.91 0.56
CA THR A 437 -6.80 -12.00 -0.44
C THR A 437 -8.12 -12.45 0.19
N THR A 438 -8.11 -13.60 0.86
CA THR A 438 -9.21 -13.98 1.77
C THR A 438 -8.79 -13.57 3.18
N MET A 439 -9.77 -13.13 3.97
CA MET A 439 -9.54 -12.41 5.24
C MET A 439 -8.64 -13.08 6.31
N ILE A 440 -8.38 -14.38 6.13
CA ILE A 440 -7.52 -15.17 7.04
C ILE A 440 -6.02 -14.98 6.78
N HIS A 441 -5.29 -14.58 7.81
CA HIS A 441 -3.81 -14.64 7.83
C HIS A 441 -3.29 -15.97 7.25
N THR A 442 -3.16 -16.06 5.92
CA THR A 442 -2.53 -17.24 5.30
C THR A 442 -1.07 -16.99 4.93
N PRO A 443 -0.19 -17.94 5.25
CA PRO A 443 1.23 -17.85 4.93
C PRO A 443 1.53 -18.12 3.45
N GLU A 444 2.33 -17.25 2.84
CA GLU A 444 2.79 -17.39 1.45
C GLU A 444 3.86 -18.47 1.26
N ASN A 445 3.54 -19.49 0.46
CA ASN A 445 4.46 -20.59 0.13
C ASN A 445 5.05 -21.21 1.40
N PRO A 446 4.18 -21.78 2.25
CA PRO A 446 4.45 -22.18 3.63
C PRO A 446 5.14 -23.54 3.73
N VAL A 447 6.20 -23.72 2.97
CA VAL A 447 6.94 -24.98 2.98
C VAL A 447 8.04 -24.87 4.03
N ILE A 448 8.14 -25.88 4.88
CA ILE A 448 9.12 -25.94 5.95
C ILE A 448 10.14 -27.10 5.75
N ARG A 449 11.37 -26.88 6.21
CA ARG A 449 12.40 -27.91 6.27
C ARG A 449 12.26 -28.59 7.62
N TYR A 450 12.41 -29.90 7.64
CA TYR A 450 12.28 -30.67 8.88
C TYR A 450 13.21 -31.86 8.88
N LYS A 451 13.75 -32.20 10.05
CA LYS A 451 14.49 -33.44 10.20
C LYS A 451 14.12 -34.12 11.50
N ARG A 452 14.38 -35.42 11.59
CA ARG A 452 14.11 -36.22 12.78
C ARG A 452 14.76 -35.61 14.02
N ARG A 453 14.02 -35.49 15.11
CA ARG A 453 14.56 -34.94 16.37
C ARG A 453 15.50 -35.94 17.07
N SER A 454 16.57 -35.43 17.68
CA SER A 454 17.64 -36.29 18.27
C SER A 454 17.19 -37.17 19.46
N VAL B 10 29.45 -13.96 -11.51
CA VAL B 10 28.24 -13.40 -12.20
C VAL B 10 26.94 -13.81 -11.49
N LYS B 11 26.21 -12.80 -11.03
CA LYS B 11 25.01 -12.96 -10.23
C LYS B 11 24.07 -11.84 -10.60
N SER B 12 22.79 -12.12 -10.76
CA SER B 12 21.87 -11.06 -11.16
C SER B 12 21.03 -10.59 -9.97
N PRO B 13 20.52 -9.35 -10.00
CA PRO B 13 19.91 -8.70 -8.83
C PRO B 13 18.86 -9.53 -8.11
N PRO B 14 18.68 -9.30 -6.80
CA PRO B 14 17.55 -9.87 -6.08
C PRO B 14 16.26 -9.62 -6.86
N TYR B 15 15.49 -10.67 -7.08
CA TYR B 15 14.22 -10.53 -7.81
C TYR B 15 13.04 -10.62 -6.85
N ILE B 16 12.13 -9.66 -6.94
CA ILE B 16 10.94 -9.63 -6.11
C ILE B 16 9.82 -10.37 -6.80
N PHE B 17 9.62 -11.61 -6.40
CA PHE B 17 8.55 -12.45 -6.91
C PHE B 17 7.20 -11.82 -6.63
N SER B 18 6.22 -12.15 -7.46
CA SER B 18 4.86 -11.66 -7.32
C SER B 18 3.88 -12.78 -7.62
N PRO B 19 2.85 -12.95 -6.77
CA PRO B 19 1.76 -13.92 -6.98
C PRO B 19 0.92 -13.71 -8.26
N ILE B 20 0.58 -12.45 -8.59
CA ILE B 20 -0.23 -12.15 -9.79
C ILE B 20 0.49 -12.45 -11.12
N PRO B 21 -0.17 -13.23 -12.01
CA PRO B 21 0.42 -13.83 -13.23
C PRO B 21 1.09 -12.84 -14.20
N PHE B 22 0.46 -11.69 -14.44
CA PHE B 22 0.96 -10.78 -15.49
C PHE B 22 1.08 -9.34 -15.02
N LEU B 23 0.06 -8.84 -14.32
CA LEU B 23 0.12 -7.51 -13.71
C LEU B 23 1.38 -7.35 -12.87
N GLY B 24 1.69 -8.39 -12.10
CA GLY B 24 2.78 -8.37 -11.14
C GLY B 24 2.51 -7.42 -10.00
N HIS B 25 3.42 -6.47 -9.84
CA HIS B 25 3.34 -5.49 -8.78
C HIS B 25 2.63 -4.21 -9.24
N ALA B 26 2.00 -4.26 -10.41
CA ALA B 26 1.41 -3.07 -11.02
C ALA B 26 0.42 -2.33 -10.11
N ILE B 27 -0.23 -3.07 -9.22
CA ILE B 27 -1.22 -2.48 -8.31
C ILE B 27 -0.56 -1.90 -7.05
N ALA B 28 0.31 -2.67 -6.42
CA ALA B 28 1.02 -2.19 -5.23
C ALA B 28 1.91 -1.01 -5.56
N PHE B 29 2.66 -1.11 -6.65
CA PHE B 29 3.54 -0.03 -7.08
C PHE B 29 2.74 1.19 -7.48
N GLY B 30 1.57 0.96 -8.08
CA GLY B 30 0.68 2.05 -8.47
C GLY B 30 0.13 2.83 -7.29
N LYS B 31 -0.21 2.12 -6.21
CA LYS B 31 -0.72 2.74 -4.99
C LYS B 31 0.25 3.78 -4.43
N SER B 32 1.39 3.32 -3.93
CA SER B 32 2.46 4.20 -3.51
C SER B 32 3.82 3.69 -3.96
N PRO B 33 4.32 4.20 -5.09
CA PRO B 33 5.59 3.79 -5.66
C PRO B 33 6.73 4.05 -4.68
N ILE B 34 6.63 5.14 -3.93
CA ILE B 34 7.65 5.51 -2.96
C ILE B 34 7.69 4.56 -1.76
N GLU B 35 6.51 4.21 -1.26
CA GLU B 35 6.34 3.20 -0.22
C GLU B 35 6.89 1.87 -0.70
N PHE B 36 6.50 1.49 -1.92
CA PHE B 36 6.93 0.25 -2.52
C PHE B 36 8.44 0.18 -2.58
N LEU B 37 9.06 1.24 -3.09
CA LEU B 37 10.48 1.26 -3.34
C LEU B 37 11.35 1.35 -2.07
N GLU B 38 10.88 2.09 -1.08
CA GLU B 38 11.60 2.17 0.19
C GLU B 38 11.57 0.83 0.91
N ASN B 39 10.40 0.19 0.94
CA ASN B 39 10.26 -1.13 1.56
C ASN B 39 11.18 -2.13 0.86
N ALA B 40 11.25 -2.00 -0.45
CA ALA B 40 12.08 -2.86 -1.27
C ALA B 40 13.54 -2.63 -0.91
N TYR B 41 13.90 -1.38 -0.67
CA TYR B 41 15.23 -1.01 -0.22
C TYR B 41 15.57 -1.67 1.11
N GLU B 42 14.62 -1.67 2.04
CA GLU B 42 14.77 -2.35 3.33
C GLU B 42 14.94 -3.85 3.17
N LYS B 43 14.08 -4.48 2.38
CA LYS B 43 14.14 -5.93 2.22
C LYS B 43 15.31 -6.40 1.35
N TYR B 44 15.64 -5.67 0.29
CA TYR B 44 16.51 -6.18 -0.75
C TYR B 44 17.73 -5.34 -1.08
N GLY B 45 17.74 -4.07 -0.66
CA GLY B 45 18.90 -3.23 -0.88
C GLY B 45 18.82 -2.25 -2.03
N PRO B 46 19.99 -1.72 -2.45
CA PRO B 46 20.01 -0.67 -3.46
C PRO B 46 19.74 -1.17 -4.87
N VAL B 47 19.73 -2.49 -5.08
CA VAL B 47 19.63 -3.06 -6.42
C VAL B 47 18.67 -4.24 -6.43
N PHE B 48 17.53 -4.10 -7.10
CA PHE B 48 16.57 -5.19 -7.17
C PHE B 48 15.77 -5.16 -8.46
N SER B 49 15.11 -6.27 -8.76
CA SER B 49 14.26 -6.38 -9.93
C SER B 49 12.85 -6.76 -9.55
N PHE B 50 11.89 -6.38 -10.37
CA PHE B 50 10.51 -6.85 -10.24
C PHE B 50 9.80 -6.64 -11.56
N THR B 51 8.72 -7.39 -11.77
CA THR B 51 7.96 -7.30 -13.00
C THR B 51 6.61 -6.63 -12.78
N MET B 52 6.22 -5.86 -13.77
CA MET B 52 4.95 -5.13 -13.81
C MET B 52 4.49 -5.17 -15.25
N VAL B 53 3.21 -5.49 -15.46
CA VAL B 53 2.62 -5.56 -16.81
C VAL B 53 3.55 -6.26 -17.84
N GLY B 54 3.98 -7.47 -17.51
CA GLY B 54 4.91 -8.21 -18.34
C GLY B 54 6.18 -7.48 -18.72
N LYS B 55 6.61 -6.53 -17.88
CA LYS B 55 7.90 -5.86 -18.05
C LYS B 55 8.77 -6.01 -16.80
N THR B 56 10.06 -6.23 -16.97
CA THR B 56 10.99 -6.31 -15.84
C THR B 56 11.75 -5.01 -15.59
N PHE B 57 11.79 -4.59 -14.35
CA PHE B 57 12.49 -3.37 -13.98
C PHE B 57 13.57 -3.65 -12.94
N THR B 58 14.75 -3.09 -13.17
CA THR B 58 15.77 -3.07 -12.14
C THR B 58 15.93 -1.66 -11.62
N TYR B 59 15.74 -1.53 -10.31
CA TYR B 59 15.96 -0.25 -9.70
C TYR B 59 17.35 -0.15 -9.05
N LEU B 60 17.86 1.08 -9.07
CA LEU B 60 19.12 1.43 -8.44
C LEU B 60 18.84 2.56 -7.46
N LEU B 61 18.97 2.27 -6.17
CA LEU B 61 18.69 3.25 -5.14
C LEU B 61 19.96 3.62 -4.37
N GLY B 62 20.01 4.85 -3.89
CA GLY B 62 21.21 5.38 -3.28
C GLY B 62 22.17 5.89 -4.33
N SER B 63 23.05 6.80 -3.93
CA SER B 63 24.01 7.45 -4.82
C SER B 63 24.93 6.46 -5.56
N ASP B 64 25.44 5.47 -4.85
CA ASP B 64 26.39 4.53 -5.41
C ASP B 64 25.82 3.69 -6.54
N ALA B 65 24.63 3.12 -6.34
CA ALA B 65 23.99 2.26 -7.35
C ALA B 65 23.51 3.10 -8.53
N ALA B 66 22.90 4.25 -8.23
CA ALA B 66 22.44 5.16 -9.27
C ALA B 66 23.57 5.59 -10.20
N ALA B 67 24.80 5.60 -9.72
CA ALA B 67 25.97 5.97 -10.52
C ALA B 67 26.02 5.21 -11.86
N LEU B 68 25.66 3.93 -11.84
CA LEU B 68 25.55 3.15 -13.05
C LEU B 68 24.79 3.90 -14.13
N LEU B 69 23.55 4.28 -13.82
CA LEU B 69 22.67 4.96 -14.78
C LEU B 69 23.24 6.30 -15.26
N PHE B 70 23.66 7.13 -14.31
CA PHE B 70 24.14 8.47 -14.61
C PHE B 70 25.41 8.49 -15.44
N ASN B 71 26.36 7.64 -15.09
CA ASN B 71 27.67 7.59 -15.76
C ASN B 71 27.70 6.88 -17.11
N SER B 72 26.73 5.99 -17.36
CA SER B 72 26.81 5.08 -18.50
C SER B 72 26.67 5.80 -19.83
N LYS B 73 27.14 5.15 -20.89
CA LYS B 73 26.94 5.62 -22.26
C LYS B 73 25.61 5.14 -22.82
N ASN B 74 24.97 5.98 -23.62
CA ASN B 74 23.64 5.71 -24.20
C ASN B 74 23.52 4.46 -25.09
N GLU B 75 24.66 3.92 -25.53
CA GLU B 75 24.66 2.66 -26.27
C GLU B 75 24.50 1.51 -25.29
N ASP B 76 24.76 1.78 -24.02
CA ASP B 76 24.67 0.75 -22.99
C ASP B 76 23.37 0.82 -22.20
N LEU B 77 23.01 2.03 -21.77
CA LEU B 77 21.69 2.28 -21.23
C LEU B 77 21.01 3.30 -22.10
N ASN B 78 20.05 2.84 -22.89
CA ASN B 78 19.45 3.68 -23.90
C ASN B 78 18.21 4.42 -23.45
N ALA B 79 18.17 5.71 -23.72
CA ALA B 79 16.99 6.51 -23.38
C ALA B 79 15.89 6.56 -24.47
N GLU B 80 16.24 6.42 -25.74
CA GLU B 80 15.21 6.42 -26.80
C GLU B 80 14.33 5.18 -26.73
N ASP B 81 14.96 4.02 -26.51
CA ASP B 81 14.25 2.75 -26.45
C ASP B 81 13.03 2.81 -25.54
N VAL B 82 13.06 3.70 -24.56
CA VAL B 82 12.04 3.78 -23.52
C VAL B 82 11.19 5.03 -23.60
N TYR B 83 11.79 6.18 -23.92
CA TYR B 83 11.04 7.44 -23.95
C TYR B 83 10.30 7.70 -25.27
N SER B 84 10.86 7.14 -26.34
CA SER B 84 10.46 7.47 -27.70
C SER B 84 8.98 7.26 -27.98
N ARG B 85 8.44 6.14 -27.48
CA ARG B 85 7.02 5.80 -27.59
C ARG B 85 6.13 6.99 -27.33
N LEU B 86 6.43 7.71 -26.25
CA LEU B 86 5.57 8.79 -25.77
C LEU B 86 5.97 10.12 -26.39
N THR B 87 7.26 10.32 -26.58
CA THR B 87 7.82 11.61 -26.96
C THR B 87 7.59 12.02 -28.43
N THR B 88 8.00 11.15 -29.36
CA THR B 88 7.93 11.43 -30.79
C THR B 88 6.52 11.83 -31.28
N PRO B 89 5.47 11.09 -30.89
CA PRO B 89 4.11 11.54 -31.21
C PRO B 89 3.79 12.92 -30.70
N VAL B 90 4.39 13.33 -29.58
CA VAL B 90 4.09 14.62 -28.96
C VAL B 90 4.97 15.76 -29.50
N PHE B 91 6.29 15.61 -29.34
CA PHE B 91 7.23 16.65 -29.73
C PHE B 91 7.35 16.73 -31.25
N GLY B 92 7.57 15.59 -31.89
CA GLY B 92 7.66 15.55 -33.34
C GLY B 92 8.82 14.72 -33.86
N LYS B 93 8.75 14.38 -35.14
CA LYS B 93 9.81 13.66 -35.82
C LYS B 93 11.09 14.48 -35.85
N GLY B 94 12.23 13.79 -35.80
CA GLY B 94 13.55 14.40 -35.94
C GLY B 94 13.93 15.37 -34.83
N VAL B 95 13.48 15.07 -33.62
CA VAL B 95 13.73 15.92 -32.46
C VAL B 95 13.69 15.05 -31.20
N ALA B 96 14.48 15.44 -30.19
CA ALA B 96 14.53 14.74 -28.91
C ALA B 96 14.92 13.25 -29.05
N TYR B 97 13.96 12.35 -28.83
CA TYR B 97 14.27 10.92 -28.81
C TYR B 97 14.02 10.20 -30.13
N ASP B 98 13.80 11.00 -31.19
CA ASP B 98 13.64 10.47 -32.55
C ASP B 98 14.95 10.32 -33.28
N VAL B 99 15.94 11.10 -32.89
CA VAL B 99 17.24 11.07 -33.56
C VAL B 99 18.27 10.33 -32.75
N PRO B 100 19.32 9.81 -33.40
CA PRO B 100 20.47 9.28 -32.64
C PRO B 100 20.89 10.24 -31.53
N ASN B 101 21.38 9.69 -30.43
CA ASN B 101 21.81 10.53 -29.31
C ASN B 101 22.83 11.61 -29.69
N PRO B 102 23.87 11.27 -30.50
CA PRO B 102 24.82 12.31 -30.90
C PRO B 102 24.13 13.50 -31.56
N VAL B 103 23.12 13.25 -32.39
CA VAL B 103 22.36 14.33 -33.03
C VAL B 103 21.58 15.11 -31.98
N PHE B 104 21.10 14.41 -30.96
CA PHE B 104 20.34 15.05 -29.87
C PHE B 104 21.24 15.92 -28.98
N LEU B 105 22.44 15.45 -28.67
CA LEU B 105 23.36 16.24 -27.89
C LEU B 105 23.48 17.63 -28.52
N GLU B 106 23.55 17.65 -29.85
CA GLU B 106 23.61 18.89 -30.61
C GLU B 106 22.38 19.77 -30.40
N GLN B 107 21.19 19.22 -30.55
CA GLN B 107 19.97 19.99 -30.35
C GLN B 107 19.94 20.62 -28.95
N LYS B 108 20.47 19.89 -27.96
CA LYS B 108 20.61 20.38 -26.59
C LYS B 108 21.56 21.57 -26.52
N LYS B 109 22.79 21.37 -27.00
CA LYS B 109 23.79 22.43 -27.02
C LYS B 109 23.23 23.76 -27.58
N MET B 110 22.34 23.66 -28.58
CA MET B 110 21.68 24.82 -29.21
C MET B 110 20.71 25.49 -28.27
N LEU B 111 19.79 24.71 -27.71
CA LEU B 111 18.80 25.19 -26.75
C LEU B 111 19.48 25.80 -25.53
N LYS B 112 20.49 25.09 -25.03
CA LYS B 112 21.27 25.52 -23.88
C LYS B 112 21.81 26.92 -24.10
N SER B 113 22.37 27.15 -25.29
CA SER B 113 22.88 28.48 -25.65
C SER B 113 21.82 29.54 -25.46
N GLY B 114 20.58 29.22 -25.83
CA GLY B 114 19.44 30.13 -25.70
C GLY B 114 19.06 30.50 -24.27
N LEU B 115 19.62 29.78 -23.30
CA LEU B 115 19.37 30.03 -21.89
C LEU B 115 20.59 30.65 -21.21
N ASN B 116 20.86 31.92 -21.55
CA ASN B 116 22.00 32.67 -21.01
C ASN B 116 21.59 33.95 -20.28
N ILE B 117 22.46 34.46 -19.40
CA ILE B 117 22.16 35.61 -18.54
C ILE B 117 21.40 36.74 -19.24
N ALA B 118 21.80 37.06 -20.47
CA ALA B 118 21.18 38.16 -21.20
C ALA B 118 19.69 37.95 -21.36
N HIS B 119 19.34 36.72 -21.75
CA HIS B 119 17.94 36.34 -21.93
C HIS B 119 17.19 36.30 -20.60
N PHE B 120 17.82 35.71 -19.58
CA PHE B 120 17.22 35.67 -18.23
C PHE B 120 16.90 37.06 -17.69
N LYS B 121 17.85 37.98 -17.84
CA LYS B 121 17.65 39.38 -17.48
C LYS B 121 16.36 39.92 -18.07
N GLN B 122 16.14 39.66 -19.37
CA GLN B 122 14.90 40.05 -20.06
C GLN B 122 13.71 39.35 -19.44
N HIS B 123 13.91 38.07 -19.07
CA HIS B 123 12.83 37.22 -18.56
C HIS B 123 12.25 37.74 -17.24
N VAL B 124 13.13 38.10 -16.30
CA VAL B 124 12.72 38.50 -14.96
C VAL B 124 11.52 39.46 -14.95
N SER B 125 11.66 40.60 -15.61
CA SER B 125 10.59 41.56 -15.66
C SER B 125 9.39 40.99 -16.43
N ILE B 126 9.64 40.36 -17.58
CA ILE B 126 8.58 39.75 -18.37
C ILE B 126 7.71 38.87 -17.46
N ILE B 127 8.35 37.99 -16.70
CA ILE B 127 7.67 37.08 -15.79
C ILE B 127 6.94 37.85 -14.69
N GLU B 128 7.60 38.87 -14.15
CA GLU B 128 7.05 39.67 -13.05
C GLU B 128 5.77 40.38 -13.46
N LYS B 129 5.69 40.80 -14.72
CA LYS B 129 4.49 41.42 -15.29
C LYS B 129 3.33 40.43 -15.37
N GLU B 130 3.59 39.29 -16.01
CA GLU B 130 2.59 38.24 -16.19
C GLU B 130 2.01 37.82 -14.83
N THR B 131 2.88 37.68 -13.84
CA THR B 131 2.48 37.30 -12.49
C THR B 131 1.55 38.35 -11.89
N LYS B 132 1.99 39.60 -11.86
CA LYS B 132 1.19 40.70 -11.33
C LYS B 132 -0.17 40.80 -12.00
N GLU B 133 -0.18 40.75 -13.33
CA GLU B 133 -1.42 40.89 -14.12
C GLU B 133 -2.35 39.71 -13.96
N TYR B 134 -1.82 38.50 -14.02
CA TYR B 134 -2.62 37.30 -13.80
C TYR B 134 -3.40 37.35 -12.50
N PHE B 135 -2.72 37.71 -11.40
CA PHE B 135 -3.33 37.72 -10.08
C PHE B 135 -4.23 38.91 -9.77
N GLU B 136 -4.43 39.80 -10.76
CA GLU B 136 -5.37 40.92 -10.61
C GLU B 136 -6.79 40.41 -10.35
N SER B 137 -7.08 39.18 -10.78
CA SER B 137 -8.41 38.58 -10.65
C SER B 137 -8.60 37.70 -9.40
N TRP B 138 -7.68 37.79 -8.44
CA TRP B 138 -7.80 37.06 -7.18
C TRP B 138 -8.18 37.99 -6.06
N GLY B 139 -8.13 39.30 -6.33
CA GLY B 139 -8.52 40.31 -5.36
C GLY B 139 -7.77 40.22 -4.04
N GLU B 140 -8.41 40.71 -2.98
CA GLU B 140 -7.75 40.96 -1.71
C GLU B 140 -7.65 39.74 -0.80
N SER B 141 -8.64 38.84 -0.89
CA SER B 141 -8.62 37.58 -0.14
C SER B 141 -9.48 36.49 -0.76
N GLY B 142 -9.40 35.28 -0.22
CA GLY B 142 -10.21 34.16 -0.67
C GLY B 142 -9.53 32.81 -0.51
N GLU B 143 -10.07 31.83 -1.24
CA GLU B 143 -9.56 30.47 -1.24
C GLU B 143 -9.68 29.91 -2.65
N LYS B 144 -8.56 29.77 -3.34
CA LYS B 144 -8.57 29.33 -4.74
C LYS B 144 -7.55 28.25 -4.98
N ASN B 145 -7.62 27.65 -6.17
CA ASN B 145 -6.74 26.57 -6.56
C ASN B 145 -5.41 27.10 -7.11
N VAL B 146 -4.35 27.01 -6.30
CA VAL B 146 -3.02 27.45 -6.71
C VAL B 146 -2.46 26.68 -7.87
N PHE B 147 -2.48 25.34 -7.76
CA PHE B 147 -1.94 24.49 -8.83
C PHE B 147 -2.57 24.78 -10.19
N GLU B 148 -3.89 25.00 -10.21
CA GLU B 148 -4.59 25.38 -11.42
C GLU B 148 -4.10 26.74 -11.91
N ALA B 149 -4.11 27.72 -11.01
CA ALA B 149 -3.63 29.06 -11.34
C ALA B 149 -2.21 29.00 -11.88
N LEU B 150 -1.31 28.41 -11.09
CA LEU B 150 0.10 28.39 -11.38
C LEU B 150 0.42 27.81 -12.75
N SER B 151 -0.24 26.72 -13.11
CA SER B 151 0.02 26.08 -14.40
C SER B 151 -0.52 26.93 -15.54
N GLU B 152 -1.61 27.65 -15.31
CA GLU B 152 -2.12 28.64 -16.29
C GLU B 152 -1.13 29.79 -16.49
N LEU B 153 -0.59 30.32 -15.39
CA LEU B 153 0.38 31.40 -15.44
C LEU B 153 1.69 30.95 -16.08
N ILE B 154 2.23 29.83 -15.62
CA ILE B 154 3.49 29.30 -16.16
C ILE B 154 3.40 29.04 -17.67
N ILE B 155 2.26 28.52 -18.14
CA ILE B 155 2.03 28.39 -19.59
C ILE B 155 2.16 29.76 -20.28
N LEU B 156 1.73 30.80 -19.58
CA LEU B 156 1.90 32.17 -20.06
C LEU B 156 3.35 32.66 -19.95
N THR B 157 4.00 32.44 -18.81
CA THR B 157 5.37 32.92 -18.61
C THR B 157 6.39 32.15 -19.45
N ALA B 158 6.28 30.83 -19.43
CA ALA B 158 7.17 29.98 -20.22
C ALA B 158 7.04 30.29 -21.70
N SER B 159 5.82 30.62 -22.14
CA SER B 159 5.56 31.02 -23.54
C SER B 159 6.24 32.32 -23.93
N HIS B 160 6.08 33.37 -23.11
CA HIS B 160 6.65 34.68 -23.42
C HIS B 160 8.16 34.55 -23.53
N CYS B 161 8.74 33.82 -22.58
CA CYS B 161 10.17 33.63 -22.52
C CYS B 161 10.72 32.73 -23.63
N LEU B 162 10.13 31.54 -23.79
CA LEU B 162 10.70 30.51 -24.65
C LEU B 162 10.17 30.52 -26.07
N HIS B 163 9.06 31.21 -26.28
CA HIS B 163 8.46 31.28 -27.61
C HIS B 163 8.41 32.70 -28.16
N GLY B 164 8.86 33.67 -27.38
CA GLY B 164 8.90 35.06 -27.83
C GLY B 164 7.53 35.72 -27.91
N LYS B 165 7.55 37.04 -28.07
CA LYS B 165 6.34 37.88 -28.02
C LYS B 165 5.26 37.46 -29.02
N GLU B 166 5.70 37.14 -30.23
CA GLU B 166 4.79 36.82 -31.33
C GLU B 166 3.85 35.66 -30.97
N ILE B 167 4.46 34.56 -30.52
CA ILE B 167 3.69 33.37 -30.17
C ILE B 167 2.87 33.59 -28.91
N ARG B 168 3.43 34.29 -27.92
CA ARG B 168 2.74 34.47 -26.64
C ARG B 168 1.43 35.21 -26.82
N SER B 169 1.44 36.20 -27.70
CA SER B 169 0.26 37.01 -27.96
C SER B 169 -0.92 36.23 -28.56
N GLN B 170 -0.67 34.99 -28.97
CA GLN B 170 -1.73 34.12 -29.54
C GLN B 170 -2.24 33.04 -28.57
N LEU B 171 -1.75 33.07 -27.34
CA LEU B 171 -2.19 32.10 -26.34
C LEU B 171 -3.57 32.45 -25.82
N ASN B 172 -4.59 31.80 -26.36
CA ASN B 172 -5.94 31.92 -25.82
C ASN B 172 -6.41 30.61 -25.17
N GLU B 173 -7.70 30.53 -24.88
CA GLU B 173 -8.32 29.34 -24.30
C GLU B 173 -8.19 28.12 -25.23
N LYS B 174 -8.33 28.35 -26.53
CA LYS B 174 -8.36 27.27 -27.52
C LYS B 174 -6.98 26.68 -27.80
N VAL B 175 -5.93 27.45 -27.50
CA VAL B 175 -4.55 26.97 -27.60
C VAL B 175 -4.18 26.23 -26.32
N ALA B 176 -4.57 26.78 -25.17
CA ALA B 176 -4.40 26.12 -23.87
C ALA B 176 -4.89 24.68 -23.95
N GLN B 177 -6.02 24.50 -24.62
CA GLN B 177 -6.62 23.19 -24.83
C GLN B 177 -5.74 22.31 -25.72
N LEU B 178 -5.17 22.90 -26.77
CA LEU B 178 -4.32 22.13 -27.69
C LEU B 178 -3.07 21.59 -26.97
N TYR B 179 -2.56 22.35 -26.00
CA TYR B 179 -1.48 21.88 -25.16
C TYR B 179 -1.94 20.80 -24.19
N ALA B 180 -3.13 21.01 -23.62
CA ALA B 180 -3.74 20.04 -22.71
C ALA B 180 -3.95 18.69 -23.38
N ASP B 181 -4.27 18.71 -24.68
CA ASP B 181 -4.37 17.50 -25.52
C ASP B 181 -3.02 16.79 -25.70
N LEU B 182 -1.94 17.57 -25.67
CA LEU B 182 -0.58 17.03 -25.77
C LEU B 182 -0.07 16.48 -24.43
N ASP B 183 -0.64 16.97 -23.32
CA ASP B 183 -0.37 16.42 -21.98
C ASP B 183 -0.86 14.98 -21.91
N GLY B 184 -2.00 14.71 -22.55
CA GLY B 184 -2.61 13.39 -22.57
C GLY B 184 -1.83 12.37 -23.39
N GLY B 185 -0.61 12.74 -23.78
CA GLY B 185 0.29 11.83 -24.47
C GLY B 185 1.23 11.09 -23.52
N PHE B 186 1.55 11.71 -22.40
CA PHE B 186 2.40 11.08 -21.39
C PHE B 186 1.51 10.38 -20.40
N SER B 187 1.05 9.20 -20.80
CA SER B 187 0.08 8.41 -20.05
C SER B 187 0.44 6.93 -19.93
N HIS B 188 -0.05 6.35 -18.84
CA HIS B 188 -0.17 4.92 -18.64
C HIS B 188 -0.25 4.15 -19.95
N ALA B 189 -1.33 4.40 -20.69
CA ALA B 189 -1.73 3.59 -21.84
C ALA B 189 -0.82 3.76 -23.06
N ALA B 190 -0.24 4.95 -23.19
CA ALA B 190 0.61 5.28 -24.33
C ALA B 190 1.95 4.54 -24.27
N TRP B 191 2.31 4.09 -23.07
CA TRP B 191 3.58 3.39 -22.86
C TRP B 191 3.48 1.89 -23.18
N LEU B 192 2.34 1.30 -22.84
CA LEU B 192 2.14 -0.15 -22.96
C LEU B 192 1.56 -0.55 -24.30
N LEU B 193 0.39 0.02 -24.61
CA LEU B 193 -0.38 -0.34 -25.81
C LEU B 193 0.33 0.09 -27.10
N PRO B 194 0.06 -0.60 -28.23
CA PRO B 194 0.72 -0.17 -29.47
C PRO B 194 -0.04 0.95 -30.18
N GLY B 195 0.70 1.81 -30.88
CA GLY B 195 0.17 3.05 -31.45
C GLY B 195 -0.86 2.91 -32.56
N TRP B 196 -1.51 1.74 -32.64
CA TRP B 196 -2.63 1.51 -33.56
C TRP B 196 -3.99 1.31 -32.90
N LEU B 197 -4.02 1.15 -31.58
CA LEU B 197 -5.29 1.11 -30.85
C LEU B 197 -5.81 2.53 -30.67
N PRO B 198 -6.95 2.87 -31.31
CA PRO B 198 -7.39 4.26 -31.29
C PRO B 198 -8.17 4.63 -30.02
N LEU B 199 -7.43 4.88 -28.93
CA LEU B 199 -8.01 5.49 -27.72
C LEU B 199 -8.32 6.94 -28.07
N PRO B 200 -9.28 7.57 -27.35
CA PRO B 200 -9.53 9.00 -27.57
C PRO B 200 -8.28 9.88 -27.50
N SER B 201 -7.47 9.68 -26.46
CA SER B 201 -6.26 10.48 -26.21
C SER B 201 -5.25 10.41 -27.36
N PHE B 202 -4.93 9.20 -27.83
CA PHE B 202 -4.08 9.01 -29.01
C PHE B 202 -4.50 9.94 -30.16
N ARG B 203 -5.79 9.94 -30.49
CA ARG B 203 -6.37 10.81 -31.53
C ARG B 203 -6.14 12.30 -31.25
N ARG B 204 -6.51 12.77 -30.06
CA ARG B 204 -6.36 14.19 -29.70
C ARG B 204 -4.91 14.65 -29.66
N ARG B 205 -4.05 13.77 -29.15
CA ARG B 205 -2.61 14.00 -29.06
C ARG B 205 -2.03 14.31 -30.44
N ASP B 206 -2.56 13.65 -31.47
CA ASP B 206 -2.08 13.84 -32.84
C ASP B 206 -2.72 15.05 -33.52
N ARG B 207 -4.00 15.27 -33.23
CA ARG B 207 -4.74 16.42 -33.75
C ARG B 207 -4.03 17.70 -33.33
N ALA B 208 -3.81 17.85 -32.02
CA ALA B 208 -3.18 19.04 -31.45
C ALA B 208 -1.74 19.26 -31.93
N HIS B 209 -1.05 18.16 -32.19
CA HIS B 209 0.31 18.21 -32.71
C HIS B 209 0.35 18.88 -34.08
N ARG B 210 -0.57 18.49 -34.96
CA ARG B 210 -0.74 19.14 -36.28
C ARG B 210 -1.16 20.61 -36.12
N GLU B 211 -2.19 20.86 -35.32
CA GLU B 211 -2.70 22.21 -35.09
C GLU B 211 -1.72 23.18 -34.45
N ILE B 212 -0.82 22.66 -33.61
CA ILE B 212 0.14 23.53 -32.95
C ILE B 212 1.36 23.74 -33.80
N LYS B 213 1.86 22.68 -34.44
CA LYS B 213 2.94 22.85 -35.42
C LYS B 213 2.48 23.82 -36.48
N ASP B 214 1.17 23.76 -36.79
CA ASP B 214 0.52 24.68 -37.72
C ASP B 214 0.74 26.13 -37.30
N ILE B 215 0.45 26.41 -36.03
CA ILE B 215 0.68 27.73 -35.45
C ILE B 215 2.16 28.11 -35.49
N PHE B 216 3.03 27.22 -35.03
CA PHE B 216 4.46 27.49 -35.03
C PHE B 216 4.99 27.71 -36.45
N TYR B 217 4.46 26.96 -37.41
CA TYR B 217 4.90 27.07 -38.81
C TYR B 217 4.88 28.50 -39.36
N LYS B 218 3.76 29.20 -39.23
CA LYS B 218 3.68 30.57 -39.75
C LYS B 218 4.25 31.63 -38.81
N ALA B 219 4.19 31.39 -37.50
CA ALA B 219 4.79 32.31 -36.52
C ALA B 219 6.32 32.39 -36.66
N ILE B 220 6.93 31.26 -37.00
CA ILE B 220 8.36 31.18 -37.29
C ILE B 220 8.73 32.18 -38.39
N GLN B 221 7.99 32.14 -39.49
CA GLN B 221 8.29 32.94 -40.68
C GLN B 221 7.99 34.41 -40.57
N LYS B 222 6.96 34.76 -39.81
CA LYS B 222 6.73 36.16 -39.52
C LYS B 222 7.94 36.78 -38.81
N ARG B 223 8.79 35.94 -38.21
CA ARG B 223 10.08 36.37 -37.68
C ARG B 223 11.22 36.11 -38.67
N ARG B 224 11.07 35.06 -39.45
CA ARG B 224 12.02 34.75 -40.50
C ARG B 224 12.12 35.94 -41.48
N GLN B 225 11.19 36.88 -41.35
CA GLN B 225 11.11 38.02 -42.25
C GLN B 225 11.47 39.36 -41.61
N SER B 226 10.61 39.90 -40.74
CA SER B 226 10.85 41.23 -40.15
C SER B 226 12.27 41.39 -39.63
N GLN B 227 12.90 42.51 -39.97
CA GLN B 227 14.32 42.73 -39.65
C GLN B 227 14.52 43.34 -38.26
N GLU B 228 13.40 43.52 -37.55
CA GLU B 228 13.38 43.94 -36.15
C GLU B 228 14.29 43.00 -35.33
N LYS B 229 15.47 43.49 -34.95
CA LYS B 229 16.40 42.63 -34.22
C LYS B 229 15.94 42.31 -32.81
N ILE B 230 15.47 41.07 -32.64
CA ILE B 230 15.01 40.54 -31.37
C ILE B 230 16.01 39.50 -30.89
N ASP B 231 16.43 39.62 -29.63
CA ASP B 231 17.33 38.63 -29.05
C ASP B 231 16.58 37.84 -27.99
N ASP B 232 16.00 36.71 -28.41
CA ASP B 232 15.35 35.79 -27.49
C ASP B 232 15.64 34.34 -27.90
N ILE B 233 14.95 33.41 -27.23
CA ILE B 233 15.18 31.99 -27.42
C ILE B 233 14.86 31.58 -28.86
N LEU B 234 13.71 31.99 -29.36
CA LEU B 234 13.30 31.65 -30.71
C LEU B 234 14.34 32.13 -31.70
N GLN B 235 14.81 33.35 -31.49
CA GLN B 235 15.86 33.89 -32.34
C GLN B 235 17.06 32.96 -32.36
N THR B 236 17.61 32.65 -31.18
CA THR B 236 18.76 31.75 -31.09
C THR B 236 18.58 30.52 -31.97
N LEU B 237 17.43 29.86 -31.85
CA LEU B 237 17.17 28.63 -32.59
C LEU B 237 17.22 28.87 -34.10
N LEU B 238 16.48 29.87 -34.56
CA LEU B 238 16.45 30.19 -35.98
C LEU B 238 17.83 30.52 -36.54
N ASP B 239 18.73 31.02 -35.70
CA ASP B 239 20.07 31.41 -36.15
C ASP B 239 21.11 30.30 -36.02
N ALA B 240 20.75 29.23 -35.33
CA ALA B 240 21.76 28.22 -34.94
C ALA B 240 22.02 27.18 -36.02
N THR B 241 23.06 26.38 -35.79
CA THR B 241 23.67 25.59 -36.82
C THR B 241 24.45 24.38 -36.28
N TYR B 242 24.30 23.24 -36.96
CA TYR B 242 25.00 22.00 -36.60
C TYR B 242 26.49 22.08 -36.93
N LYS B 243 27.22 21.02 -36.57
CA LYS B 243 28.60 20.85 -37.00
C LYS B 243 28.68 20.67 -38.51
N ASP B 244 27.62 20.10 -39.08
CA ASP B 244 27.30 20.17 -40.50
C ASP B 244 27.54 21.56 -41.08
N GLY B 245 26.96 22.55 -40.41
CA GLY B 245 26.79 23.88 -40.97
C GLY B 245 25.31 24.04 -41.27
N ARG B 246 24.62 22.92 -41.41
CA ARG B 246 23.20 22.89 -41.73
C ARG B 246 22.35 23.60 -40.68
N PRO B 247 21.41 24.48 -41.12
CA PRO B 247 20.48 25.07 -40.18
C PRO B 247 19.25 24.19 -39.94
N LEU B 248 18.55 24.43 -38.83
CA LEU B 248 17.35 23.69 -38.47
C LEU B 248 16.21 23.94 -39.45
N THR B 249 15.59 22.89 -39.95
CA THR B 249 14.39 23.02 -40.76
C THR B 249 13.27 23.60 -39.89
N ASP B 250 12.31 24.26 -40.52
CA ASP B 250 11.18 24.82 -39.78
C ASP B 250 10.45 23.75 -38.98
N ASP B 251 10.67 22.48 -39.36
CA ASP B 251 10.06 21.36 -38.66
C ASP B 251 10.79 21.09 -37.35
N GLU B 252 12.10 20.93 -37.43
CA GLU B 252 12.94 20.79 -36.26
C GLU B 252 12.69 21.90 -35.26
N VAL B 253 12.64 23.15 -35.73
CA VAL B 253 12.47 24.30 -34.85
C VAL B 253 11.16 24.20 -34.08
N ALA B 254 10.07 23.98 -34.82
CA ALA B 254 8.73 23.84 -34.24
C ALA B 254 8.71 22.67 -33.25
N GLY B 255 9.36 21.57 -33.65
CA GLY B 255 9.60 20.43 -32.76
C GLY B 255 10.07 20.89 -31.40
N MET B 256 11.30 21.41 -31.32
CA MET B 256 11.86 21.79 -30.03
C MET B 256 11.16 22.97 -29.34
N LEU B 257 10.24 23.63 -30.02
CA LEU B 257 9.39 24.61 -29.35
C LEU B 257 8.39 23.88 -28.47
N ILE B 258 7.93 22.72 -28.93
CA ILE B 258 6.97 21.90 -28.19
C ILE B 258 7.63 21.39 -26.92
N GLY B 259 8.78 20.74 -27.08
CA GLY B 259 9.60 20.31 -25.95
C GLY B 259 9.80 21.41 -24.92
N LEU B 260 10.23 22.58 -25.36
CA LEU B 260 10.46 23.71 -24.48
C LEU B 260 9.24 24.09 -23.65
N LEU B 261 8.07 24.16 -24.29
CA LEU B 261 6.88 24.59 -23.58
C LEU B 261 6.44 23.61 -22.51
N LEU B 262 6.48 22.32 -22.84
CA LEU B 262 5.94 21.30 -21.93
C LEU B 262 6.90 21.03 -20.78
N ALA B 263 8.16 20.77 -21.13
CA ALA B 263 9.24 20.60 -20.17
C ALA B 263 9.28 21.74 -19.18
N GLY B 264 9.26 22.96 -19.73
CA GLY B 264 9.42 24.17 -18.93
C GLY B 264 8.17 24.59 -18.19
N GLN B 265 7.06 23.91 -18.46
CA GLN B 265 5.76 24.30 -17.94
C GLN B 265 5.27 23.43 -16.77
N HIS B 266 5.22 22.12 -16.98
CA HIS B 266 4.76 21.19 -15.94
C HIS B 266 5.70 21.06 -14.73
N THR B 267 6.99 21.06 -15.01
CA THR B 267 8.02 20.88 -13.98
C THR B 267 8.10 22.08 -13.05
N SER B 268 7.73 23.24 -13.54
CA SER B 268 7.75 24.44 -12.71
C SER B 268 6.45 24.64 -11.95
N SER B 269 5.32 24.38 -12.61
CA SER B 269 4.02 24.53 -11.96
C SER B 269 3.95 23.67 -10.71
N THR B 270 4.10 22.36 -10.87
CA THR B 270 4.07 21.45 -9.73
C THR B 270 4.96 21.93 -8.59
N THR B 271 6.21 22.27 -8.91
CA THR B 271 7.20 22.71 -7.92
C THR B 271 6.73 23.97 -7.20
N SER B 272 6.33 24.95 -7.99
CA SER B 272 5.81 26.21 -7.45
C SER B 272 4.65 25.93 -6.53
N ALA B 273 3.68 25.18 -7.05
CA ALA B 273 2.48 24.73 -6.32
C ALA B 273 2.82 24.07 -5.01
N TRP B 274 3.76 23.14 -5.03
CA TRP B 274 4.18 22.47 -3.81
C TRP B 274 4.78 23.43 -2.79
N MET B 275 5.69 24.28 -3.25
CA MET B 275 6.34 25.22 -2.37
C MET B 275 5.33 26.10 -1.65
N GLY B 276 4.29 26.52 -2.37
CA GLY B 276 3.17 27.20 -1.75
C GLY B 276 2.63 26.54 -0.48
N PHE B 277 2.53 25.22 -0.48
CA PHE B 277 1.98 24.52 0.67
C PHE B 277 2.99 24.30 1.78
N PHE B 278 4.22 23.96 1.41
CA PHE B 278 5.31 23.92 2.38
C PHE B 278 5.48 25.26 3.10
N LEU B 279 5.25 26.35 2.38
CA LEU B 279 5.39 27.71 2.91
C LEU B 279 4.21 28.14 3.76
N ALA B 280 3.01 27.79 3.32
CA ALA B 280 1.80 28.06 4.08
C ALA B 280 1.75 27.22 5.35
N ARG B 281 2.42 26.07 5.34
CA ARG B 281 2.44 25.20 6.51
C ARG B 281 3.42 25.73 7.54
N ASP B 282 4.55 26.21 7.06
CA ASP B 282 5.58 26.80 7.90
C ASP B 282 5.47 28.32 7.75
N LYS B 283 4.71 28.93 8.67
CA LYS B 283 4.40 30.37 8.62
C LYS B 283 5.58 31.30 8.93
N THR B 284 6.40 30.92 9.92
CA THR B 284 7.61 31.67 10.23
C THR B 284 8.59 31.65 9.05
N LEU B 285 8.79 30.47 8.47
CA LEU B 285 9.61 30.30 7.28
C LEU B 285 9.11 31.13 6.11
N GLN B 286 7.79 31.31 6.03
CA GLN B 286 7.18 32.21 5.05
C GLN B 286 7.56 33.66 5.32
N LYS B 287 7.53 34.05 6.60
CA LYS B 287 7.82 35.44 6.97
C LYS B 287 9.28 35.80 6.79
N LYS B 288 10.17 34.86 7.09
CA LYS B 288 11.60 35.07 6.85
C LYS B 288 11.90 35.17 5.37
N CYS B 289 11.09 34.50 4.54
CA CYS B 289 11.19 34.63 3.09
C CYS B 289 10.80 36.02 2.62
N TYR B 290 9.72 36.54 3.19
CA TYR B 290 9.28 37.91 2.94
C TYR B 290 10.26 38.94 3.49
N LEU B 291 10.77 38.70 4.70
CA LEU B 291 11.75 39.59 5.29
C LEU B 291 12.98 39.68 4.40
N GLU B 292 13.51 38.52 4.00
CA GLU B 292 14.62 38.43 3.05
C GLU B 292 14.38 39.26 1.79
N GLN B 293 13.12 39.42 1.39
CA GLN B 293 12.78 40.21 0.20
C GLN B 293 13.10 41.69 0.41
N LYS B 294 12.72 42.21 1.57
CA LYS B 294 12.95 43.63 1.90
C LYS B 294 14.42 43.92 2.19
N THR B 295 15.08 43.00 2.92
CA THR B 295 16.54 43.06 3.14
C THR B 295 17.31 43.12 1.82
N VAL B 296 16.98 42.23 0.89
CA VAL B 296 17.73 42.14 -0.36
C VAL B 296 17.25 43.19 -1.37
N CYS B 297 16.00 43.63 -1.28
CA CYS B 297 15.48 44.54 -2.30
C CYS B 297 15.08 45.95 -1.82
N GLY B 298 14.82 46.08 -0.52
CA GLY B 298 14.40 47.37 0.05
C GLY B 298 12.90 47.48 0.34
N GLU B 299 12.56 48.40 1.24
CA GLU B 299 11.17 48.61 1.69
C GLU B 299 10.25 48.97 0.52
N ASN B 300 10.63 50.01 -0.22
CA ASN B 300 9.93 50.44 -1.44
C ASN B 300 9.54 49.30 -2.40
N LEU B 301 10.27 48.18 -2.31
CA LEU B 301 10.10 47.00 -3.17
C LEU B 301 10.04 47.33 -4.66
N PRO B 302 11.20 47.71 -5.26
CA PRO B 302 11.24 48.00 -6.69
C PRO B 302 10.92 46.75 -7.52
N PRO B 303 10.67 46.92 -8.83
CA PRO B 303 10.60 45.75 -9.68
C PRO B 303 11.84 44.87 -9.51
N LEU B 304 11.78 43.63 -9.98
CA LEU B 304 12.88 42.70 -9.76
C LEU B 304 13.89 42.71 -10.90
N THR B 305 15.15 42.44 -10.57
CA THR B 305 16.22 42.27 -11.55
C THR B 305 16.96 40.97 -11.29
N TYR B 306 17.59 40.45 -12.34
CA TYR B 306 18.36 39.22 -12.26
C TYR B 306 19.35 39.26 -11.10
N ASP B 307 20.00 40.41 -10.89
CA ASP B 307 21.10 40.53 -9.94
C ASP B 307 20.69 40.32 -8.48
N GLN B 308 19.41 40.61 -8.20
CA GLN B 308 18.89 40.48 -6.85
C GLN B 308 18.62 39.02 -6.48
N LEU B 309 18.24 38.24 -7.49
CA LEU B 309 17.85 36.86 -7.28
C LEU B 309 18.92 36.05 -6.57
N LYS B 310 20.17 36.28 -6.96
CA LYS B 310 21.31 35.52 -6.44
C LYS B 310 21.45 35.65 -4.92
N ASP B 311 20.99 36.77 -4.36
CA ASP B 311 21.13 37.00 -2.93
C ASP B 311 19.93 36.54 -2.12
N LEU B 312 18.93 35.98 -2.81
CA LEU B 312 17.76 35.40 -2.16
C LEU B 312 18.07 33.96 -1.74
N ASN B 313 18.90 33.82 -0.71
CA ASN B 313 19.43 32.52 -0.32
C ASN B 313 18.42 31.58 0.26
N LEU B 314 17.60 32.07 1.19
CA LEU B 314 16.57 31.25 1.82
C LEU B 314 15.62 30.77 0.72
N LEU B 315 15.12 31.71 -0.06
CA LEU B 315 14.25 31.39 -1.17
C LEU B 315 14.84 30.29 -2.09
N ASP B 316 16.15 30.36 -2.33
CA ASP B 316 16.86 29.37 -3.12
C ASP B 316 16.83 27.99 -2.45
N ARG B 317 17.09 27.97 -1.15
CA ARG B 317 17.10 26.73 -0.38
C ARG B 317 15.71 26.14 -0.19
N CYS B 318 14.68 27.00 -0.17
CA CYS B 318 13.28 26.57 -0.18
C CYS B 318 12.95 25.86 -1.48
N ILE B 319 13.41 26.43 -2.60
CA ILE B 319 13.25 25.80 -3.91
C ILE B 319 14.06 24.50 -3.96
N LYS B 320 15.31 24.55 -3.53
CA LYS B 320 16.12 23.35 -3.41
C LYS B 320 15.45 22.27 -2.53
N GLU B 321 14.70 22.72 -1.53
CA GLU B 321 14.03 21.80 -0.59
C GLU B 321 12.70 21.26 -1.15
N THR B 322 11.94 22.10 -1.84
CA THR B 322 10.77 21.65 -2.56
C THR B 322 11.18 20.54 -3.52
N LEU B 323 12.14 20.82 -4.39
CA LEU B 323 12.67 19.86 -5.37
C LEU B 323 13.23 18.61 -4.73
N ARG B 324 13.74 18.74 -3.51
CA ARG B 324 14.20 17.57 -2.79
C ARG B 324 13.04 16.61 -2.52
N LEU B 325 11.93 17.13 -1.97
CA LEU B 325 10.80 16.32 -1.53
C LEU B 325 9.74 16.08 -2.59
N ARG B 326 9.72 16.94 -3.62
CA ARG B 326 8.71 16.85 -4.65
C ARG B 326 9.33 17.00 -6.04
N PRO B 327 10.28 16.12 -6.39
CA PRO B 327 10.91 16.31 -7.70
C PRO B 327 9.92 16.02 -8.84
N PRO B 328 9.74 16.98 -9.78
CA PRO B 328 8.72 16.84 -10.82
C PRO B 328 9.00 15.61 -11.65
N ILE B 329 10.27 15.32 -11.87
CA ILE B 329 10.66 14.09 -12.55
C ILE B 329 11.00 13.03 -11.53
N MET B 330 9.98 12.22 -11.30
CA MET B 330 9.90 11.34 -10.18
C MET B 330 10.74 10.10 -10.40
N ILE B 331 10.92 9.75 -11.66
CA ILE B 331 11.65 8.55 -12.06
C ILE B 331 12.39 8.83 -13.37
N MET B 332 13.49 8.11 -13.61
CA MET B 332 14.25 8.22 -14.84
C MET B 332 14.62 6.82 -15.22
N MET B 333 14.57 6.54 -16.53
CA MET B 333 14.58 5.19 -17.02
C MET B 333 15.44 5.04 -18.30
N ARG B 334 15.97 3.84 -18.50
CA ARG B 334 16.79 3.51 -19.67
C ARG B 334 16.60 2.03 -19.97
N MET B 335 16.81 1.65 -21.23
CA MET B 335 16.80 0.23 -21.60
C MET B 335 18.23 -0.29 -21.58
N ALA B 336 18.45 -1.41 -20.89
CA ALA B 336 19.74 -2.05 -20.93
C ALA B 336 19.93 -2.71 -22.30
N ARG B 337 20.80 -2.12 -23.11
CA ARG B 337 21.12 -2.64 -24.44
C ARG B 337 22.22 -3.71 -24.33
N THR B 338 22.94 -3.70 -23.22
CA THR B 338 24.10 -4.58 -23.00
C THR B 338 24.24 -4.85 -21.49
N PRO B 339 24.95 -5.92 -21.09
CA PRO B 339 24.99 -6.22 -19.65
C PRO B 339 25.75 -5.16 -18.86
N GLN B 340 25.23 -4.81 -17.70
CA GLN B 340 25.83 -3.79 -16.87
C GLN B 340 26.06 -4.32 -15.46
N THR B 341 27.05 -3.76 -14.77
CA THR B 341 27.38 -4.24 -13.42
C THR B 341 27.41 -3.16 -12.34
N VAL B 342 26.70 -3.46 -11.26
CA VAL B 342 26.67 -2.64 -10.08
C VAL B 342 26.50 -3.55 -8.87
N ALA B 343 27.12 -3.17 -7.75
CA ALA B 343 27.04 -3.94 -6.49
C ALA B 343 27.25 -5.45 -6.70
N GLY B 344 28.05 -5.78 -7.73
CA GLY B 344 28.38 -7.17 -8.04
C GLY B 344 27.36 -7.88 -8.90
N TYR B 345 26.22 -7.22 -9.10
CA TYR B 345 25.12 -7.81 -9.88
C TYR B 345 25.24 -7.43 -11.35
N THR B 346 24.90 -8.37 -12.23
CA THR B 346 24.88 -8.09 -13.66
C THR B 346 23.44 -7.94 -14.13
N ILE B 347 23.09 -6.75 -14.61
CA ILE B 347 21.75 -6.52 -15.14
C ILE B 347 21.75 -7.05 -16.56
N PRO B 348 20.83 -8.00 -16.84
CA PRO B 348 20.78 -8.58 -18.18
C PRO B 348 20.19 -7.64 -19.23
N PRO B 349 20.73 -7.66 -20.47
CA PRO B 349 20.11 -6.93 -21.57
C PRO B 349 18.61 -7.24 -21.61
N GLY B 350 17.79 -6.20 -21.64
CA GLY B 350 16.35 -6.43 -21.64
C GLY B 350 15.62 -5.72 -20.54
N HIS B 351 16.21 -5.69 -19.34
CA HIS B 351 15.61 -5.00 -18.18
C HIS B 351 15.53 -3.53 -18.47
N GLN B 352 14.49 -2.87 -17.96
CA GLN B 352 14.46 -1.42 -17.97
C GLN B 352 15.07 -0.98 -16.65
N VAL B 353 16.18 -0.27 -16.71
CA VAL B 353 16.82 0.26 -15.50
C VAL B 353 16.23 1.61 -15.11
N CYS B 354 16.02 1.79 -13.81
CA CYS B 354 15.43 3.03 -13.29
C CYS B 354 16.10 3.57 -12.05
N VAL B 355 16.08 4.90 -11.93
CA VAL B 355 16.47 5.56 -10.71
C VAL B 355 15.34 6.51 -10.31
N SER B 356 15.13 6.65 -9.00
CA SER B 356 14.14 7.61 -8.51
C SER B 356 14.80 8.73 -7.73
N PRO B 357 14.75 9.97 -8.25
CA PRO B 357 15.29 11.03 -7.44
C PRO B 357 14.55 11.05 -6.11
N THR B 358 13.22 10.92 -6.15
CA THR B 358 12.37 10.95 -4.95
C THR B 358 12.90 10.03 -3.84
N VAL B 359 13.12 8.77 -4.15
CA VAL B 359 13.61 7.84 -3.15
C VAL B 359 15.00 8.25 -2.67
N ASN B 360 15.91 8.48 -3.59
CA ASN B 360 17.28 8.87 -3.26
C ASN B 360 17.39 10.08 -2.33
N GLN B 361 16.44 11.00 -2.45
CA GLN B 361 16.54 12.33 -1.86
C GLN B 361 15.91 12.43 -0.49
N ARG B 362 15.52 11.27 0.02
CA ARG B 362 14.75 11.16 1.25
C ARG B 362 15.07 9.81 1.90
N LEU B 363 16.03 9.10 1.30
CA LEU B 363 16.50 7.82 1.78
C LEU B 363 16.93 7.95 3.25
N LYS B 364 16.61 6.93 4.06
CA LYS B 364 16.90 6.94 5.50
C LYS B 364 18.40 6.97 5.85
N ASP B 365 19.24 6.23 5.12
CA ASP B 365 20.68 6.15 5.43
C ASP B 365 21.40 7.50 5.40
N SER B 366 20.86 8.49 4.70
CA SER B 366 21.64 9.70 4.46
C SER B 366 20.91 11.00 4.73
N TRP B 367 19.60 10.99 4.58
CA TRP B 367 18.85 12.20 4.84
C TRP B 367 18.29 12.18 6.25
N VAL B 368 18.95 12.89 7.15
CA VAL B 368 18.47 13.10 8.52
C VAL B 368 17.18 13.93 8.49
N GLU B 369 16.21 13.57 9.33
CA GLU B 369 14.86 14.16 9.32
C GLU B 369 14.25 14.24 7.92
N ARG B 370 14.24 13.10 7.26
CA ARG B 370 14.00 13.00 5.82
C ARG B 370 12.69 13.59 5.34
N LEU B 371 11.61 13.42 6.10
CA LEU B 371 10.32 13.94 5.64
C LEU B 371 10.10 15.41 6.01
N ASP B 372 10.98 15.97 6.85
CA ASP B 372 10.95 17.40 7.23
C ASP B 372 11.28 18.36 6.09
N PHE B 373 10.45 19.39 5.94
CA PHE B 373 10.75 20.48 5.01
C PHE B 373 11.66 21.48 5.72
N ASN B 374 12.96 21.27 5.60
CA ASN B 374 13.94 22.11 6.28
C ASN B 374 15.07 22.62 5.36
N PRO B 375 14.90 23.84 4.80
CA PRO B 375 15.90 24.43 3.92
C PRO B 375 17.23 24.68 4.62
N ASP B 376 17.23 24.73 5.94
CA ASP B 376 18.47 24.93 6.67
C ASP B 376 19.35 23.70 6.70
N ARG B 377 18.86 22.58 6.17
CA ARG B 377 19.67 21.36 6.16
C ARG B 377 20.96 21.50 5.34
N TYR B 378 20.92 22.38 4.34
CA TYR B 378 22.04 22.61 3.44
C TYR B 378 23.11 23.52 4.04
N LEU B 379 22.76 24.20 5.13
CA LEU B 379 23.71 24.99 5.90
C LEU B 379 24.40 24.09 6.92
N GLN B 380 24.50 22.80 6.58
CA GLN B 380 25.11 21.79 7.45
C GLN B 380 25.81 20.73 6.62
N ASP B 381 25.95 19.54 7.20
CA ASP B 381 26.42 18.40 6.44
C ASP B 381 25.23 17.64 5.89
N ASN B 382 25.24 17.45 4.58
CA ASN B 382 24.15 16.80 3.85
C ASN B 382 24.69 15.96 2.71
N PRO B 383 23.92 14.94 2.29
CA PRO B 383 24.34 14.11 1.16
C PRO B 383 24.36 14.83 -0.21
N ALA B 384 23.65 15.95 -0.31
CA ALA B 384 23.65 16.77 -1.54
C ALA B 384 25.04 17.31 -1.87
N SER B 385 25.89 17.40 -0.85
CA SER B 385 27.30 17.73 -1.07
C SER B 385 28.26 16.63 -0.65
N GLY B 386 27.86 15.82 0.32
CA GLY B 386 28.70 14.70 0.77
C GLY B 386 28.83 13.63 -0.30
N GLU B 387 27.81 13.50 -1.15
CA GLU B 387 27.68 12.39 -2.09
C GLU B 387 27.38 12.86 -3.51
N LYS B 388 27.74 12.03 -4.46
CA LYS B 388 27.60 12.39 -5.86
C LYS B 388 26.14 12.42 -6.34
N PHE B 389 25.37 11.39 -6.00
CA PHE B 389 24.02 11.22 -6.59
C PHE B 389 22.88 10.95 -5.61
N ALA B 390 22.93 11.57 -4.43
CA ALA B 390 21.81 11.48 -3.50
C ALA B 390 20.80 12.59 -3.75
N TYR B 391 21.29 13.78 -4.09
CA TYR B 391 20.42 14.84 -4.53
C TYR B 391 20.58 15.08 -6.05
N VAL B 392 19.53 14.74 -6.82
CA VAL B 392 19.61 14.68 -8.28
C VAL B 392 18.34 15.13 -9.00
N PRO B 393 17.74 16.26 -8.59
CA PRO B 393 16.44 16.57 -9.21
C PRO B 393 16.52 16.95 -10.69
N PHE B 394 17.71 17.25 -11.18
CA PHE B 394 17.92 17.58 -12.58
C PHE B 394 18.78 16.53 -13.27
N GLY B 395 18.94 15.38 -12.63
CA GLY B 395 19.72 14.29 -13.17
C GLY B 395 21.21 14.57 -13.15
N ALA B 396 21.92 13.89 -14.03
CA ALA B 396 23.38 13.88 -14.08
C ALA B 396 23.83 13.12 -15.33
N GLY B 397 25.08 13.35 -15.74
CA GLY B 397 25.67 12.66 -16.89
C GLY B 397 25.04 13.08 -18.21
N ARG B 398 25.24 12.26 -19.23
CA ARG B 398 24.87 12.61 -20.60
C ARG B 398 23.44 13.16 -20.79
N HIS B 399 22.48 12.69 -20.00
CA HIS B 399 21.07 13.11 -20.13
C HIS B 399 20.64 14.24 -19.18
N ARG B 400 21.64 14.87 -18.57
CA ARG B 400 21.52 16.03 -17.68
C ARG B 400 20.51 17.05 -18.19
N CYS B 401 19.69 17.60 -17.30
CA CYS B 401 18.80 18.72 -17.60
C CYS B 401 19.57 19.93 -18.14
N ILE B 402 18.89 20.83 -18.84
CA ILE B 402 19.52 22.08 -19.27
C ILE B 402 18.76 23.29 -18.74
N GLY B 403 17.59 23.06 -18.15
CA GLY B 403 16.70 24.14 -17.76
C GLY B 403 16.86 24.68 -16.35
N GLU B 404 17.68 24.01 -15.55
CA GLU B 404 17.89 24.41 -14.14
C GLU B 404 18.08 25.90 -13.89
N ASN B 405 19.00 26.56 -14.60
CA ASN B 405 19.13 28.01 -14.48
C ASN B 405 17.75 28.66 -14.67
N PHE B 406 17.12 28.37 -15.81
CA PHE B 406 15.86 29.02 -16.17
C PHE B 406 14.76 28.69 -15.18
N ALA B 407 14.70 27.41 -14.79
CA ALA B 407 13.66 26.93 -13.89
C ALA B 407 13.73 27.66 -12.54
N TYR B 408 14.95 27.93 -12.10
CA TYR B 408 15.14 28.70 -10.88
C TYR B 408 14.73 30.14 -11.07
N VAL B 409 14.98 30.69 -12.26
CA VAL B 409 14.63 32.07 -12.57
C VAL B 409 13.13 32.25 -12.50
N GLN B 410 12.42 31.35 -13.16
CA GLN B 410 10.97 31.37 -13.25
C GLN B 410 10.30 31.18 -11.88
N ILE B 411 10.75 30.17 -11.14
CA ILE B 411 10.18 29.89 -9.82
C ILE B 411 10.51 30.99 -8.82
N LYS B 412 11.76 31.44 -8.83
CA LYS B 412 12.21 32.58 -7.99
C LYS B 412 11.39 33.84 -8.20
N THR B 413 11.30 34.31 -9.45
CA THR B 413 10.58 35.55 -9.74
C THR B 413 9.15 35.44 -9.27
N ILE B 414 8.45 34.41 -9.74
CA ILE B 414 7.04 34.16 -9.44
C ILE B 414 6.75 34.14 -7.93
N TRP B 415 7.53 33.35 -7.18
CA TRP B 415 7.32 33.29 -5.74
C TRP B 415 7.68 34.57 -5.01
N SER B 416 8.72 35.25 -5.50
CA SER B 416 9.05 36.58 -5.01
C SER B 416 7.83 37.49 -5.15
N THR B 417 7.41 37.71 -6.41
CA THR B 417 6.20 38.45 -6.73
C THR B 417 5.01 38.01 -5.89
N MET B 418 4.83 36.71 -5.70
CA MET B 418 3.68 36.19 -4.95
C MET B 418 3.75 36.53 -3.47
N LEU B 419 4.91 36.31 -2.86
CA LEU B 419 5.11 36.68 -1.48
C LEU B 419 4.92 38.18 -1.28
N ARG B 420 5.13 38.95 -2.35
CA ARG B 420 4.92 40.39 -2.29
C ARG B 420 3.43 40.70 -2.32
N LEU B 421 2.67 39.91 -3.08
CA LEU B 421 1.25 40.16 -3.25
C LEU B 421 0.41 39.66 -2.08
N TYR B 422 0.65 38.43 -1.62
CA TYR B 422 -0.20 37.84 -0.59
C TYR B 422 0.52 37.08 0.48
N GLU B 423 -0.20 36.81 1.55
CA GLU B 423 0.18 35.90 2.62
C GLU B 423 -0.69 34.65 2.45
N PHE B 424 -0.08 33.48 2.57
CA PHE B 424 -0.76 32.22 2.26
C PHE B 424 -0.90 31.31 3.47
N ASP B 425 -2.07 30.69 3.60
CA ASP B 425 -2.36 29.77 4.70
C ASP B 425 -3.07 28.50 4.22
N LEU B 426 -2.83 27.40 4.91
CA LEU B 426 -3.57 26.14 4.71
C LEU B 426 -5.07 26.35 5.00
N ILE B 427 -5.92 25.56 4.35
CA ILE B 427 -7.34 25.60 4.65
C ILE B 427 -7.63 24.55 5.72
N ASP B 428 -8.06 25.02 6.89
CA ASP B 428 -8.23 24.20 8.09
C ASP B 428 -7.01 23.34 8.44
N GLY B 429 -5.83 23.77 7.99
CA GLY B 429 -4.59 23.08 8.29
C GLY B 429 -4.43 21.80 7.52
N TYR B 430 -5.04 21.75 6.33
CA TYR B 430 -4.91 20.61 5.43
C TYR B 430 -3.77 20.77 4.44
N PHE B 431 -2.80 19.87 4.53
CA PHE B 431 -1.65 19.84 3.63
C PHE B 431 -1.85 18.75 2.57
N PRO B 432 -2.00 19.15 1.29
CA PRO B 432 -2.28 18.23 0.18
C PRO B 432 -1.45 16.95 0.18
N THR B 433 -2.08 15.83 -0.13
CA THR B 433 -1.38 14.55 -0.26
C THR B 433 -1.03 14.33 -1.73
N VAL B 434 -0.25 13.30 -2.02
CA VAL B 434 0.24 13.08 -3.37
C VAL B 434 -0.65 12.11 -4.13
N ASN B 435 -0.96 12.49 -5.37
CA ASN B 435 -1.74 11.70 -6.31
C ASN B 435 -0.80 11.05 -7.35
N TYR B 436 -1.02 9.77 -7.65
CA TYR B 436 -0.21 9.08 -8.65
C TYR B 436 -0.97 8.58 -9.88
N THR B 437 -2.26 8.92 -9.96
CA THR B 437 -3.12 8.67 -11.14
C THR B 437 -2.42 9.05 -12.46
N THR B 438 -1.76 10.20 -12.47
CA THR B 438 -0.98 10.65 -13.62
C THR B 438 0.52 10.64 -13.29
N MET B 439 1.38 10.53 -14.31
CA MET B 439 2.84 10.62 -14.08
C MET B 439 3.17 11.89 -13.29
N ILE B 440 2.24 12.84 -13.33
CA ILE B 440 2.49 14.25 -13.03
C ILE B 440 2.44 14.64 -11.53
N HIS B 441 2.76 13.71 -10.63
CA HIS B 441 3.15 14.05 -9.24
C HIS B 441 2.25 15.13 -8.58
N THR B 442 0.95 15.10 -8.90
CA THR B 442 -0.01 16.15 -8.52
C THR B 442 -0.41 16.14 -7.04
N PRO B 443 -0.65 17.33 -6.45
CA PRO B 443 -1.16 17.46 -5.08
C PRO B 443 -2.69 17.39 -4.99
N GLU B 444 -3.20 16.63 -4.01
CA GLU B 444 -4.65 16.46 -3.79
C GLU B 444 -5.32 17.74 -3.29
N ASN B 445 -6.33 18.21 -4.03
CA ASN B 445 -7.12 19.36 -3.61
C ASN B 445 -6.24 20.57 -3.26
N PRO B 446 -5.56 21.14 -4.28
CA PRO B 446 -4.61 22.22 -4.04
C PRO B 446 -5.29 23.60 -4.00
N VAL B 447 -6.21 23.76 -3.06
CA VAL B 447 -6.89 25.02 -2.85
C VAL B 447 -6.23 25.69 -1.65
N ILE B 448 -5.90 26.98 -1.79
CA ILE B 448 -5.16 27.68 -0.74
C ILE B 448 -5.87 28.96 -0.29
N ARG B 449 -5.68 29.33 0.99
CA ARG B 449 -6.18 30.59 1.53
C ARG B 449 -5.13 31.70 1.38
N TYR B 450 -5.58 32.87 0.96
CA TYR B 450 -4.70 33.98 0.67
C TYR B 450 -5.33 35.30 1.08
N LYS B 451 -4.57 36.12 1.80
CA LYS B 451 -5.00 37.50 2.12
C LYS B 451 -3.92 38.48 1.68
N ARG B 452 -4.31 39.72 1.43
CA ARG B 452 -3.39 40.77 0.99
C ARG B 452 -2.25 40.97 1.99
N ARG B 453 -1.04 41.10 1.46
CA ARG B 453 0.16 41.31 2.27
C ARG B 453 0.18 42.73 2.83
N SER B 454 0.56 42.87 4.11
CA SER B 454 0.50 44.17 4.80
C SER B 454 1.80 44.98 4.69
#